data_5VLQ
#
_entry.id   5VLQ
#
_cell.length_a   58.625
_cell.length_b   192.241
_cell.length_c   60.743
_cell.angle_alpha   90.00
_cell.angle_beta   114.33
_cell.angle_gamma   90.00
#
_symmetry.space_group_name_H-M   'P 1 21 1'
#
loop_
_entity.id
_entity.type
_entity.pdbx_description
1 polymer 'LOC100158544 protein'
2 non-polymer 'PHOSPHOAMINOPHOSPHONIC ACID-ADENYLATE ESTER'
3 non-polymer 'SULFATE ION'
4 water water
#
_entity_poly.entity_id   1
_entity_poly.type   'polypeptide(L)'
_entity_poly.pdbx_seq_one_letter_code
;MSYYHHHHHHDYDIPTTENLYFQGIAVNPDRLKHAKALVEKAIKQKKIFAIHGPYPVIRSCLRSRGWVEKKFPKSGKAKQ
KKEKASDEDMEDDDGDGSSNDDDDGENSDEEENGDPDGTCDLMSRLLRNEDPNFFWTTKRDAVDCRFLKKDQMLNHYAKA
GSFTTKVGLCLNLRNLHWFDDADPDSFFPRCYRLGAEDEKQSFKEDFWHTAARSILKRVANRRDICSPAATGGAKASHRE
PGANNGAQLLAKRGSRKRAESVPVQIILTALEACERYLNSLEHNDIDMETEATPAMTDTQWEEFLHGYYQVIHDGATIEH
SEYYVDQCSEVLHKLEAVNPQLDIEGGRNIWIVKPGAKSRGRGIICMDRLEEILKLVDCDPMIVKDGKWVVQKYIERPLL
IFGTKFDVRQWFLVTDWNPLTIWFYKECYVRFSSQPFSLENLDTSIHLCNNSIQKHYENSQSRHPLVPTDNMWSSRQLQV
HLHKLGAPHAWEAVIVPGMKAAIIHAMQSAQDIVEYRKSSFELYGADFMFGENFHPWLIQINASPTMAASTTVTSRLCAE
VQEDTLRIVLDRKLDRNCDIGAFELIYKQ
;
_entity_poly.pdbx_strand_id   A,B
#
loop_
_chem_comp.id
_chem_comp.type
_chem_comp.name
_chem_comp.formula
ANP non-polymer 'PHOSPHOAMINOPHOSPHONIC ACID-ADENYLATE ESTER' 'C10 H17 N6 O12 P3'
SO4 non-polymer 'SULFATE ION' 'O4 S -2'
#
# COMPACT_ATOMS: atom_id res chain seq x y z
N GLY A 24 -56.27 14.23 -3.66
CA GLY A 24 -55.34 14.70 -2.65
C GLY A 24 -54.57 13.56 -2.01
N ILE A 25 -53.25 13.70 -1.96
CA ILE A 25 -52.39 12.68 -1.37
C ILE A 25 -51.91 13.12 0.01
N ALA A 26 -51.65 12.16 0.88
CA ALA A 26 -51.25 12.44 2.25
C ALA A 26 -49.78 12.87 2.34
N VAL A 27 -49.49 13.76 3.27
CA VAL A 27 -48.12 14.15 3.59
C VAL A 27 -47.90 14.08 5.09
N ASN A 28 -46.82 13.41 5.48
CA ASN A 28 -46.46 13.28 6.89
C ASN A 28 -45.96 14.62 7.44
N PRO A 29 -46.70 15.22 8.38
CA PRO A 29 -46.28 16.54 8.88
C PRO A 29 -45.03 16.49 9.75
N ASP A 30 -44.55 15.28 10.05
CA ASP A 30 -43.37 15.10 10.89
C ASP A 30 -42.14 14.66 10.09
N ARG A 31 -42.25 14.64 8.77
CA ARG A 31 -41.20 14.08 7.94
C ARG A 31 -39.87 14.84 8.08
N LEU A 32 -39.94 16.16 8.17
CA LEU A 32 -38.73 16.96 8.35
C LEU A 32 -38.26 16.91 9.80
N LYS A 33 -39.22 16.95 10.72
CA LYS A 33 -38.90 16.88 12.14
C LYS A 33 -38.19 15.57 12.44
N HIS A 34 -38.76 14.46 11.99
CA HIS A 34 -38.18 13.15 12.22
C HIS A 34 -36.86 12.95 11.47
N ALA A 35 -36.80 13.43 10.24
CA ALA A 35 -35.59 13.29 9.43
C ALA A 35 -34.43 14.03 10.08
N LYS A 36 -34.70 15.25 10.54
CA LYS A 36 -33.68 16.07 11.18
C LYS A 36 -33.15 15.39 12.45
N ALA A 37 -34.06 14.90 13.28
CA ALA A 37 -33.71 14.31 14.56
C ALA A 37 -32.91 13.02 14.38
N LEU A 38 -33.32 12.20 13.41
CA LEU A 38 -32.68 10.91 13.19
C LEU A 38 -31.29 11.09 12.58
N VAL A 39 -31.15 12.08 11.70
CA VAL A 39 -29.85 12.37 11.09
C VAL A 39 -28.86 12.86 12.14
N GLU A 40 -29.27 13.81 12.97
CA GLU A 40 -28.40 14.37 13.99
C GLU A 40 -27.94 13.29 14.96
N LYS A 41 -28.83 12.37 15.28
CA LYS A 41 -28.50 11.26 16.17
C LYS A 41 -27.52 10.31 15.50
N ALA A 42 -27.75 10.03 14.22
CA ALA A 42 -26.92 9.10 13.46
C ALA A 42 -25.50 9.66 13.28
N ILE A 43 -25.39 10.96 13.06
CA ILE A 43 -24.09 11.60 12.91
C ILE A 43 -23.32 11.53 14.22
N LYS A 44 -24.01 11.86 15.32
CA LYS A 44 -23.40 11.84 16.65
C LYS A 44 -22.93 10.44 17.02
N GLN A 45 -23.71 9.44 16.62
CA GLN A 45 -23.42 8.05 16.98
C GLN A 45 -22.59 7.34 15.90
N LYS A 46 -22.20 8.08 14.88
CA LYS A 46 -21.40 7.53 13.78
C LYS A 46 -22.08 6.33 13.13
N LYS A 47 -23.37 6.49 12.83
CA LYS A 47 -24.16 5.43 12.20
C LYS A 47 -24.63 5.85 10.81
N ILE A 48 -23.70 6.40 10.03
CA ILE A 48 -23.97 6.76 8.63
C ILE A 48 -23.35 5.71 7.72
N PHE A 49 -24.14 5.19 6.79
CA PHE A 49 -23.64 4.19 5.85
C PHE A 49 -23.98 4.55 4.42
N ALA A 50 -23.28 3.89 3.50
CA ALA A 50 -23.52 4.05 2.07
C ALA A 50 -23.32 2.70 1.40
N ILE A 51 -24.10 2.45 0.36
CA ILE A 51 -24.06 1.18 -0.34
C ILE A 51 -23.88 1.40 -1.84
N HIS A 52 -22.95 0.66 -2.43
CA HIS A 52 -22.80 0.63 -3.88
C HIS A 52 -23.01 -0.79 -4.38
N GLY A 53 -24.21 -1.06 -4.87
CA GLY A 53 -24.58 -2.38 -5.34
C GLY A 53 -25.93 -2.79 -4.77
N PRO A 54 -26.50 -3.88 -5.30
CA PRO A 54 -27.82 -4.35 -4.86
C PRO A 54 -27.74 -5.17 -3.57
N TYR A 55 -27.82 -4.49 -2.42
CA TYR A 55 -27.73 -5.17 -1.13
C TYR A 55 -28.82 -4.69 -0.19
N PRO A 56 -30.08 -5.02 -0.52
CA PRO A 56 -31.23 -4.60 0.31
C PRO A 56 -31.19 -5.19 1.71
N VAL A 57 -30.59 -6.37 1.86
CA VAL A 57 -30.48 -7.00 3.18
C VAL A 57 -29.60 -6.15 4.10
N ILE A 58 -28.43 -5.74 3.60
CA ILE A 58 -27.53 -4.89 4.37
C ILE A 58 -28.23 -3.60 4.77
N ARG A 59 -28.93 -2.99 3.83
CA ARG A 59 -29.66 -1.75 4.07
C ARG A 59 -30.66 -1.93 5.22
N SER A 60 -31.50 -2.96 5.13
CA SER A 60 -32.53 -3.18 6.13
C SER A 60 -31.91 -3.51 7.50
N CYS A 61 -30.88 -4.33 7.49
CA CYS A 61 -30.19 -4.71 8.73
C CYS A 61 -29.58 -3.51 9.44
N LEU A 62 -29.01 -2.58 8.67
CA LEU A 62 -28.37 -1.41 9.25
C LEU A 62 -29.42 -0.42 9.76
N ARG A 63 -30.47 -0.21 8.97
CA ARG A 63 -31.55 0.69 9.36
C ARG A 63 -32.23 0.23 10.65
N SER A 64 -32.35 -1.08 10.82
CA SER A 64 -32.96 -1.63 12.03
C SER A 64 -32.02 -1.50 13.21
N ARG A 65 -30.73 -1.29 12.93
CA ARG A 65 -29.75 -1.01 13.97
C ARG A 65 -29.66 0.49 14.26
N GLY A 66 -30.52 1.27 13.61
CA GLY A 66 -30.59 2.70 13.83
C GLY A 66 -29.69 3.52 12.93
N TRP A 67 -29.18 2.90 11.88
CA TRP A 67 -28.30 3.60 10.95
C TRP A 67 -29.10 4.39 9.91
N VAL A 68 -28.46 5.39 9.32
CA VAL A 68 -29.07 6.22 8.29
C VAL A 68 -28.20 6.21 7.04
N GLU A 69 -28.84 6.17 5.88
CA GLU A 69 -28.12 6.03 4.61
C GLU A 69 -27.82 7.36 3.95
N LYS A 70 -26.62 7.48 3.42
CA LYS A 70 -26.26 8.55 2.51
C LYS A 70 -26.07 7.94 1.13
N LYS A 71 -26.79 8.46 0.13
CA LYS A 71 -26.70 7.94 -1.22
C LYS A 71 -25.29 8.10 -1.78
N PHE A 72 -24.80 7.06 -2.45
CA PHE A 72 -23.45 7.05 -2.99
C PHE A 72 -23.24 8.18 -3.99
N THR A 119 -38.65 10.35 2.44
CA THR A 119 -38.30 10.08 3.83
C THR A 119 -36.80 9.79 3.94
N CYS A 120 -36.37 8.72 3.28
CA CYS A 120 -34.95 8.36 3.25
C CYS A 120 -34.20 9.30 2.31
N ASP A 121 -34.90 9.79 1.30
CA ASP A 121 -34.31 10.76 0.35
C ASP A 121 -34.02 12.07 1.05
N LEU A 122 -34.89 12.47 1.96
CA LEU A 122 -34.72 13.71 2.71
C LEU A 122 -33.48 13.61 3.60
N MET A 123 -33.40 12.54 4.40
CA MET A 123 -32.29 12.35 5.32
C MET A 123 -30.96 12.32 4.57
N SER A 124 -30.96 11.79 3.36
CA SER A 124 -29.75 11.73 2.55
C SER A 124 -29.29 13.13 2.17
N ARG A 125 -30.23 14.00 1.84
CA ARG A 125 -29.92 15.39 1.52
C ARG A 125 -29.26 16.06 2.73
N LEU A 126 -29.80 15.79 3.92
CA LEU A 126 -29.32 16.41 5.14
C LEU A 126 -27.90 15.94 5.49
N LEU A 127 -27.48 14.83 4.89
CA LEU A 127 -26.15 14.27 5.11
C LEU A 127 -25.17 14.70 4.02
N ARG A 128 -25.47 15.81 3.35
CA ARG A 128 -24.69 16.27 2.21
C ARG A 128 -23.20 16.44 2.53
N ASN A 129 -22.91 17.01 3.70
CA ASN A 129 -21.53 17.32 4.08
C ASN A 129 -20.93 16.35 5.09
N GLU A 130 -21.58 15.19 5.25
CA GLU A 130 -21.12 14.19 6.22
C GLU A 130 -20.51 12.98 5.51
N ASP A 131 -19.42 12.47 6.07
CA ASP A 131 -18.78 11.27 5.54
C ASP A 131 -19.39 10.02 6.17
N PRO A 132 -19.68 8.99 5.34
CA PRO A 132 -20.19 7.75 5.92
C PRO A 132 -19.19 7.07 6.85
N ASN A 133 -19.70 6.32 7.84
CA ASN A 133 -18.85 5.57 8.75
C ASN A 133 -18.67 4.13 8.28
N PHE A 134 -19.47 3.73 7.31
CA PHE A 134 -19.53 2.33 6.87
C PHE A 134 -19.86 2.27 5.39
N PHE A 135 -18.99 1.63 4.61
CA PHE A 135 -19.21 1.44 3.18
C PHE A 135 -19.37 -0.04 2.85
N TRP A 136 -20.47 -0.38 2.18
CA TRP A 136 -20.68 -1.74 1.69
C TRP A 136 -20.84 -1.71 0.17
N THR A 137 -19.89 -2.32 -0.54
CA THR A 137 -19.86 -2.25 -2.00
C THR A 137 -19.69 -3.62 -2.64
N THR A 138 -19.97 -3.70 -3.94
CA THR A 138 -19.77 -4.93 -4.69
C THR A 138 -18.29 -5.18 -4.94
N LYS A 139 -17.61 -4.14 -5.43
CA LYS A 139 -16.20 -4.24 -5.79
C LYS A 139 -15.35 -3.26 -4.98
N ARG A 140 -14.09 -3.63 -4.76
CA ARG A 140 -13.20 -2.84 -3.92
C ARG A 140 -12.79 -1.53 -4.60
N ASP A 141 -12.99 -1.45 -5.91
CA ASP A 141 -12.63 -0.25 -6.67
C ASP A 141 -13.63 0.89 -6.45
N ALA A 142 -14.76 0.59 -5.81
CA ALA A 142 -15.79 1.60 -5.57
C ALA A 142 -15.33 2.64 -4.55
N VAL A 143 -14.39 2.24 -3.69
CA VAL A 143 -13.82 3.13 -2.69
C VAL A 143 -12.30 3.00 -2.66
N ASP A 144 -11.62 4.11 -2.98
CA ASP A 144 -10.17 4.18 -2.83
C ASP A 144 -9.86 4.36 -1.35
N CYS A 145 -9.62 3.26 -0.66
CA CYS A 145 -9.52 3.27 0.79
C CYS A 145 -8.22 3.87 1.30
N ARG A 146 -7.36 4.34 0.40
CA ARG A 146 -6.18 5.10 0.79
C ARG A 146 -6.57 6.36 1.54
N PHE A 147 -7.74 6.90 1.21
CA PHE A 147 -8.17 8.21 1.68
C PHE A 147 -9.32 8.16 2.67
N LEU A 148 -9.56 6.99 3.24
CA LEU A 148 -10.51 6.87 4.35
C LEU A 148 -9.81 7.22 5.66
N LYS A 149 -10.57 7.74 6.61
CA LYS A 149 -10.08 7.90 7.97
C LYS A 149 -10.05 6.52 8.62
N LYS A 150 -9.13 6.34 9.57
CA LYS A 150 -8.89 5.03 10.15
C LYS A 150 -10.14 4.33 10.68
N ASP A 151 -11.14 5.13 11.05
CA ASP A 151 -12.35 4.60 11.68
C ASP A 151 -13.44 4.20 10.69
N GLN A 152 -13.33 4.67 9.44
CA GLN A 152 -14.32 4.34 8.43
C GLN A 152 -14.22 2.89 7.98
N MET A 153 -15.35 2.19 8.01
CA MET A 153 -15.37 0.76 7.70
C MET A 153 -15.70 0.47 6.24
N LEU A 154 -15.10 -0.60 5.73
CA LEU A 154 -15.27 -1.01 4.34
C LEU A 154 -15.21 -2.53 4.23
N ASN A 155 -16.12 -3.11 3.45
CA ASN A 155 -16.20 -4.57 3.32
C ASN A 155 -15.22 -5.10 2.27
N HIS A 156 -14.07 -4.45 2.13
CA HIS A 156 -13.00 -4.92 1.26
C HIS A 156 -11.65 -4.51 1.80
N TYR A 157 -10.66 -5.37 1.60
CA TYR A 157 -9.27 -4.99 1.80
C TYR A 157 -8.75 -4.36 0.52
N ALA A 158 -7.57 -3.76 0.58
CA ALA A 158 -7.01 -3.05 -0.57
C ALA A 158 -6.84 -3.97 -1.77
N LYS A 159 -6.44 -5.21 -1.52
CA LYS A 159 -6.30 -6.20 -2.58
C LYS A 159 -7.00 -7.50 -2.21
N ALA A 160 -7.54 -8.18 -3.22
CA ALA A 160 -8.28 -9.41 -3.01
C ALA A 160 -7.41 -10.47 -2.32
N GLY A 161 -6.19 -10.62 -2.80
CA GLY A 161 -5.27 -11.62 -2.29
C GLY A 161 -4.87 -12.58 -3.40
N SER A 162 -3.59 -12.94 -3.42
CA SER A 162 -3.06 -13.83 -4.45
C SER A 162 -3.79 -15.16 -4.50
N PHE A 163 -4.32 -15.59 -3.35
CA PHE A 163 -5.01 -16.87 -3.25
C PHE A 163 -6.31 -16.89 -4.05
N THR A 164 -6.78 -15.73 -4.49
CA THR A 164 -8.00 -15.67 -5.29
C THR A 164 -7.73 -15.91 -6.77
N THR A 165 -6.53 -16.41 -7.07
CA THR A 165 -6.17 -16.85 -8.42
C THR A 165 -5.63 -18.27 -8.33
N LYS A 166 -5.78 -19.03 -9.41
CA LYS A 166 -5.28 -20.41 -9.46
C LYS A 166 -3.77 -20.43 -9.30
N VAL A 167 -3.10 -19.59 -10.09
CA VAL A 167 -1.64 -19.50 -10.06
C VAL A 167 -1.14 -19.08 -8.68
N GLY A 168 -1.78 -18.07 -8.11
CA GLY A 168 -1.39 -17.57 -6.81
C GLY A 168 -1.55 -18.60 -5.71
N LEU A 169 -2.69 -19.28 -5.71
CA LEU A 169 -2.95 -20.34 -4.74
C LEU A 169 -1.93 -21.47 -4.90
N CYS A 170 -1.57 -21.77 -6.14
CA CYS A 170 -0.57 -22.79 -6.42
C CYS A 170 0.80 -22.39 -5.89
N LEU A 171 1.21 -21.16 -6.15
CA LEU A 171 2.52 -20.68 -5.70
C LEU A 171 2.58 -20.59 -4.18
N ASN A 172 1.48 -20.17 -3.57
CA ASN A 172 1.44 -20.01 -2.12
C ASN A 172 1.57 -21.35 -1.38
N LEU A 173 0.75 -22.32 -1.78
CA LEU A 173 0.71 -23.60 -1.09
C LEU A 173 2.00 -24.39 -1.30
N ARG A 174 2.76 -24.04 -2.33
CA ARG A 174 4.06 -24.65 -2.57
C ARG A 174 5.01 -24.31 -1.42
N ASN A 175 4.80 -23.16 -0.80
CA ASN A 175 5.61 -22.69 0.31
C ASN A 175 4.86 -22.75 1.64
N LEU A 176 3.94 -23.72 1.76
CA LEU A 176 3.12 -23.85 2.96
C LEU A 176 3.95 -24.30 4.16
N HIS A 177 5.03 -25.02 3.89
CA HIS A 177 5.88 -25.58 4.95
C HIS A 177 6.54 -24.49 5.79
N TRP A 178 6.54 -23.26 5.30
CA TRP A 178 7.07 -22.12 6.06
C TRP A 178 6.17 -21.75 7.23
N PHE A 179 4.89 -22.13 7.13
CA PHE A 179 3.88 -21.69 8.09
C PHE A 179 3.27 -22.84 8.88
N ASP A 180 3.24 -24.04 8.28
CA ASP A 180 2.69 -25.20 8.96
C ASP A 180 3.20 -26.50 8.35
N ASP A 181 3.19 -27.58 9.15
CA ASP A 181 3.71 -28.87 8.71
C ASP A 181 2.72 -29.62 7.81
N ALA A 182 1.53 -29.06 7.63
CA ALA A 182 0.50 -29.72 6.83
C ALA A 182 0.96 -29.92 5.39
N ASP A 183 0.63 -31.09 4.84
CA ASP A 183 0.97 -31.40 3.46
C ASP A 183 -0.10 -30.85 2.52
N PRO A 184 0.27 -29.91 1.63
CA PRO A 184 -0.75 -29.31 0.75
C PRO A 184 -1.37 -30.31 -0.22
N ASP A 185 -0.71 -31.42 -0.47
CA ASP A 185 -1.23 -32.46 -1.36
C ASP A 185 -2.44 -33.16 -0.75
N SER A 186 -2.67 -32.96 0.54
CA SER A 186 -3.77 -33.63 1.24
C SER A 186 -5.09 -32.89 1.11
N PHE A 187 -5.08 -31.71 0.51
CA PHE A 187 -6.32 -30.94 0.33
C PHE A 187 -6.33 -30.08 -0.93
N PHE A 188 -5.25 -30.11 -1.70
CA PHE A 188 -5.15 -29.30 -2.91
C PHE A 188 -4.56 -30.13 -4.04
N PRO A 189 -5.32 -30.31 -5.15
CA PRO A 189 -4.77 -31.11 -6.25
C PRO A 189 -3.48 -30.52 -6.80
N ARG A 190 -2.46 -31.36 -6.91
CA ARG A 190 -1.12 -30.92 -7.27
C ARG A 190 -1.10 -30.08 -8.54
N CYS A 191 -0.36 -28.97 -8.47
CA CYS A 191 -0.32 -27.98 -9.53
C CYS A 191 1.11 -27.67 -9.92
N TYR A 192 1.30 -27.16 -11.14
CA TYR A 192 2.63 -26.81 -11.64
C TYR A 192 2.56 -25.57 -12.52
N ARG A 193 3.57 -24.70 -12.38
CA ARG A 193 3.63 -23.46 -13.14
C ARG A 193 4.36 -23.66 -14.47
N GLN A 201 10.07 -29.84 -15.47
CA GLN A 201 10.44 -31.24 -15.54
C GLN A 201 9.70 -32.06 -14.47
N SER A 202 9.40 -31.41 -13.36
CA SER A 202 8.67 -32.05 -12.27
C SER A 202 7.27 -32.43 -12.71
N PHE A 203 6.73 -31.69 -13.68
CA PHE A 203 5.40 -31.99 -14.22
C PHE A 203 5.45 -33.27 -15.04
N LYS A 204 6.44 -33.38 -15.92
CA LYS A 204 6.62 -34.56 -16.76
C LYS A 204 6.85 -35.79 -15.89
N GLU A 205 7.68 -35.64 -14.86
CA GLU A 205 7.98 -36.74 -13.95
C GLU A 205 6.71 -37.24 -13.26
N ASP A 206 5.84 -36.31 -12.89
CA ASP A 206 4.58 -36.64 -12.22
C ASP A 206 3.62 -37.30 -13.22
N PHE A 207 3.60 -36.78 -14.44
CA PHE A 207 2.77 -37.34 -15.50
C PHE A 207 3.18 -38.77 -15.78
N TRP A 208 4.49 -39.03 -15.71
CA TRP A 208 5.03 -40.37 -15.95
C TRP A 208 4.58 -41.34 -14.86
N HIS A 209 4.71 -40.92 -13.61
CA HIS A 209 4.36 -41.77 -12.48
C HIS A 209 2.85 -41.91 -12.33
N THR A 210 2.10 -40.92 -12.77
CA THR A 210 0.64 -41.02 -12.78
C THR A 210 0.22 -42.10 -13.77
N ALA A 211 0.91 -42.16 -14.89
CA ALA A 211 0.67 -43.18 -15.89
C ALA A 211 1.10 -44.55 -15.35
N ALA A 212 2.16 -44.55 -14.57
CA ALA A 212 2.66 -45.79 -13.97
C ALA A 212 1.66 -46.35 -12.96
N ARG A 213 1.16 -45.48 -12.09
CA ARG A 213 0.15 -45.87 -11.10
C ARG A 213 -1.14 -46.31 -11.78
N SER A 214 -1.46 -45.66 -12.90
CA SER A 214 -2.66 -46.00 -13.66
C SER A 214 -2.64 -47.43 -14.16
N ILE A 215 -1.47 -47.92 -14.53
CA ILE A 215 -1.32 -49.28 -15.02
C ILE A 215 -1.58 -50.27 -13.88
N LEU A 216 -1.01 -49.98 -12.71
CA LEU A 216 -1.21 -50.83 -11.54
C LEU A 216 -2.69 -50.94 -11.21
N LYS A 217 -3.41 -49.82 -11.33
CA LYS A 217 -4.85 -49.80 -11.10
C LYS A 217 -5.57 -50.65 -12.15
N ARG A 218 -5.24 -50.43 -13.41
CA ARG A 218 -5.87 -51.14 -14.51
C ARG A 218 -5.63 -52.65 -14.41
N VAL A 219 -4.43 -53.03 -13.97
CA VAL A 219 -4.07 -54.44 -13.86
C VAL A 219 -4.68 -55.05 -12.60
N ALA A 220 -4.67 -54.30 -11.50
CA ALA A 220 -5.22 -54.77 -10.25
C ALA A 220 -6.74 -54.98 -10.36
N ASN A 221 -7.35 -54.35 -11.37
CA ASN A 221 -8.78 -54.46 -11.59
C ASN A 221 -9.08 -54.97 -13.00
N SER A 261 -2.86 -54.92 -28.44
CA SER A 261 -2.24 -55.63 -27.33
C SER A 261 -0.79 -55.18 -27.14
N VAL A 262 -0.47 -54.76 -25.92
CA VAL A 262 0.86 -54.29 -25.58
C VAL A 262 1.63 -55.37 -24.80
N PRO A 263 2.97 -55.39 -24.93
CA PRO A 263 3.76 -56.41 -24.22
C PRO A 263 3.67 -56.28 -22.71
N VAL A 264 4.12 -57.32 -22.01
CA VAL A 264 4.09 -57.35 -20.54
C VAL A 264 5.04 -56.32 -19.93
N GLN A 265 5.99 -55.85 -20.74
CA GLN A 265 6.99 -54.89 -20.28
C GLN A 265 6.36 -53.63 -19.67
N ILE A 266 5.20 -53.25 -20.18
CA ILE A 266 4.49 -52.07 -19.69
C ILE A 266 4.22 -52.16 -18.18
N ILE A 267 3.91 -53.38 -17.73
CA ILE A 267 3.70 -53.62 -16.30
C ILE A 267 5.03 -53.62 -15.57
N LEU A 268 6.07 -54.10 -16.24
CA LEU A 268 7.40 -54.20 -15.66
C LEU A 268 7.95 -52.84 -15.26
N THR A 269 7.88 -51.88 -16.17
CA THR A 269 8.38 -50.53 -15.90
C THR A 269 7.53 -49.85 -14.85
N ALA A 270 6.22 -50.05 -14.94
CA ALA A 270 5.27 -49.42 -14.02
C ALA A 270 5.52 -49.82 -12.58
N LEU A 271 5.71 -51.12 -12.35
CA LEU A 271 6.01 -51.63 -11.01
C LEU A 271 7.36 -51.13 -10.54
N GLU A 272 8.31 -51.03 -11.47
CA GLU A 272 9.66 -50.59 -11.16
C GLU A 272 9.66 -49.12 -10.74
N ALA A 273 8.91 -48.31 -11.46
CA ALA A 273 8.83 -46.88 -11.18
C ALA A 273 8.23 -46.62 -9.80
N CYS A 274 7.09 -47.27 -9.52
CA CYS A 274 6.41 -47.09 -8.25
C CYS A 274 7.27 -47.62 -7.09
N GLU A 275 8.04 -48.67 -7.37
CA GLU A 275 8.93 -49.25 -6.36
C GLU A 275 10.11 -48.32 -6.09
N ARG A 276 10.49 -47.56 -7.11
CA ARG A 276 11.59 -46.62 -6.99
C ARG A 276 11.16 -45.36 -6.24
N TYR A 277 9.95 -44.90 -6.52
CA TYR A 277 9.42 -43.71 -5.86
C TYR A 277 9.22 -43.95 -4.37
N LEU A 278 8.69 -45.13 -4.03
CA LEU A 278 8.45 -45.50 -2.64
C LEU A 278 9.77 -45.65 -1.90
N PHE A 304 6.95 -46.22 -22.94
CA PHE A 304 5.99 -46.45 -21.85
C PHE A 304 4.68 -45.72 -22.11
N LEU A 305 4.80 -44.45 -22.49
CA LEU A 305 3.61 -43.63 -22.74
C LEU A 305 2.84 -44.13 -23.95
N HIS A 306 3.55 -44.65 -24.95
CA HIS A 306 2.93 -45.17 -26.15
C HIS A 306 1.98 -46.32 -25.81
N GLY A 307 2.42 -47.19 -24.90
CA GLY A 307 1.61 -48.31 -24.47
C GLY A 307 0.48 -47.87 -23.57
N TYR A 308 0.76 -46.91 -22.69
CA TYR A 308 -0.24 -46.40 -21.77
C TYR A 308 -1.43 -45.80 -22.51
N TYR A 309 -1.14 -44.99 -23.51
CA TYR A 309 -2.18 -44.35 -24.31
C TYR A 309 -2.99 -45.40 -25.06
N GLN A 310 -2.32 -46.48 -25.45
CA GLN A 310 -2.97 -47.57 -26.16
C GLN A 310 -3.88 -48.37 -25.23
N VAL A 311 -3.45 -48.53 -23.98
CA VAL A 311 -4.22 -49.28 -23.00
C VAL A 311 -5.37 -48.44 -22.44
N ILE A 312 -5.08 -47.18 -22.15
CA ILE A 312 -6.07 -46.28 -21.56
C ILE A 312 -7.09 -45.79 -22.59
N HIS A 313 -6.59 -45.31 -23.72
CA HIS A 313 -7.45 -44.74 -24.75
C HIS A 313 -7.86 -45.76 -25.82
N ASP A 314 -6.87 -46.36 -26.48
CA ASP A 314 -7.14 -47.27 -27.59
C ASP A 314 -7.88 -48.52 -27.15
N GLY A 315 -7.72 -48.90 -25.89
CA GLY A 315 -8.41 -50.06 -25.34
C GLY A 315 -7.63 -51.34 -25.52
N ALA A 316 -6.31 -51.23 -25.63
CA ALA A 316 -5.46 -52.40 -25.81
C ALA A 316 -5.38 -53.22 -24.54
N THR A 317 -4.92 -54.46 -24.66
CA THR A 317 -4.73 -55.35 -23.52
C THR A 317 -3.25 -55.47 -23.19
N ILE A 318 -2.96 -56.03 -22.01
CA ILE A 318 -1.59 -56.25 -21.58
C ILE A 318 -1.32 -57.74 -21.43
N GLU A 319 -0.31 -58.23 -22.14
CA GLU A 319 0.03 -59.65 -22.14
C GLU A 319 0.44 -60.13 -20.74
N HIS A 320 -0.09 -61.29 -20.35
CA HIS A 320 0.28 -61.94 -19.10
C HIS A 320 -0.04 -61.08 -17.87
N SER A 321 -0.99 -60.16 -18.02
CA SER A 321 -1.35 -59.25 -16.93
C SER A 321 -2.00 -59.99 -15.77
N GLU A 322 -2.52 -61.18 -16.05
CA GLU A 322 -3.17 -61.99 -15.02
C GLU A 322 -2.17 -62.46 -13.95
N TYR A 323 -0.89 -62.42 -14.29
CA TYR A 323 0.17 -62.85 -13.37
C TYR A 323 0.59 -61.74 -12.39
N TYR A 324 0.04 -60.54 -12.57
CA TYR A 324 0.45 -59.38 -11.79
C TYR A 324 -0.70 -58.70 -11.03
N VAL A 325 -1.80 -59.42 -10.88
CA VAL A 325 -2.96 -58.87 -10.17
C VAL A 325 -2.63 -58.63 -8.70
N ASP A 326 -1.87 -59.54 -8.11
CA ASP A 326 -1.53 -59.46 -6.69
C ASP A 326 -0.42 -58.45 -6.43
N GLN A 327 0.58 -58.40 -7.30
CA GLN A 327 1.68 -57.44 -7.15
C GLN A 327 1.16 -56.01 -7.19
N CYS A 328 0.32 -55.72 -8.18
CA CYS A 328 -0.21 -54.37 -8.36
C CYS A 328 -1.10 -53.96 -7.19
N SER A 329 -1.93 -54.89 -6.72
CA SER A 329 -2.80 -54.63 -5.59
C SER A 329 -1.98 -54.36 -4.33
N GLU A 330 -0.87 -55.07 -4.21
CA GLU A 330 0.02 -54.89 -3.07
C GLU A 330 0.60 -53.48 -3.05
N VAL A 331 1.22 -53.08 -4.15
CA VAL A 331 1.85 -51.77 -4.25
C VAL A 331 0.84 -50.65 -4.06
N LEU A 332 -0.33 -50.78 -4.70
CA LEU A 332 -1.37 -49.76 -4.62
C LEU A 332 -1.86 -49.56 -3.19
N HIS A 333 -2.01 -50.65 -2.46
CA HIS A 333 -2.40 -50.58 -1.06
C HIS A 333 -1.33 -49.82 -0.27
N LYS A 334 -0.08 -49.99 -0.67
CA LYS A 334 1.03 -49.29 -0.03
C LYS A 334 1.02 -47.82 -0.42
N LEU A 335 0.78 -47.54 -1.70
CA LEU A 335 0.76 -46.17 -2.20
C LEU A 335 -0.37 -45.35 -1.59
N GLU A 336 -1.49 -46.02 -1.30
CA GLU A 336 -2.66 -45.34 -0.76
C GLU A 336 -2.37 -44.72 0.61
N ALA A 337 -1.34 -45.21 1.27
CA ALA A 337 -0.97 -44.71 2.59
C ALA A 337 -0.13 -43.44 2.52
N VAL A 338 0.65 -43.30 1.45
CA VAL A 338 1.58 -42.18 1.29
C VAL A 338 1.22 -41.25 0.14
N ASN A 339 0.03 -41.44 -0.44
CA ASN A 339 -0.41 -40.64 -1.58
C ASN A 339 -1.89 -40.28 -1.47
N PRO A 340 -2.20 -39.11 -0.89
CA PRO A 340 -3.60 -38.75 -0.63
C PRO A 340 -4.44 -38.52 -1.88
N GLN A 341 -3.80 -38.28 -3.02
CA GLN A 341 -4.51 -38.01 -4.26
C GLN A 341 -4.61 -39.25 -5.15
N LEU A 342 -4.22 -40.40 -4.60
CA LEU A 342 -4.17 -41.65 -5.36
C LEU A 342 -5.52 -42.03 -5.96
N ASP A 343 -6.60 -41.80 -5.22
CA ASP A 343 -7.93 -42.23 -5.66
C ASP A 343 -8.57 -41.20 -6.59
N ILE A 344 -8.54 -39.93 -6.21
CA ILE A 344 -9.22 -38.89 -6.97
C ILE A 344 -8.58 -38.62 -8.32
N GLU A 345 -7.27 -38.87 -8.43
CA GLU A 345 -6.54 -38.55 -9.64
C GLU A 345 -7.01 -39.38 -10.84
N GLY A 346 -7.69 -40.50 -10.57
CA GLY A 346 -8.19 -41.37 -11.61
C GLY A 346 -7.07 -42.11 -12.32
N GLY A 347 -7.28 -42.44 -13.59
CA GLY A 347 -6.35 -43.25 -14.35
C GLY A 347 -6.03 -42.74 -15.75
N ARG A 348 -6.76 -41.71 -16.19
CA ARG A 348 -6.62 -41.22 -17.56
C ARG A 348 -5.56 -40.13 -17.69
N ASN A 349 -5.03 -39.69 -16.55
CA ASN A 349 -3.96 -38.69 -16.52
C ASN A 349 -4.40 -37.38 -17.17
N ILE A 350 -5.62 -36.95 -16.84
CA ILE A 350 -6.17 -35.70 -17.36
C ILE A 350 -5.70 -34.52 -16.50
N TRP A 351 -5.34 -33.41 -17.15
CA TRP A 351 -4.86 -32.23 -16.46
C TRP A 351 -5.65 -30.99 -16.89
N ILE A 352 -5.48 -29.91 -16.13
CA ILE A 352 -6.18 -28.66 -16.40
C ILE A 352 -5.21 -27.47 -16.40
N ILE A 365 -9.70 -25.72 -20.40
CA ILE A 365 -8.72 -26.35 -21.28
C ILE A 365 -8.08 -27.55 -20.61
N CYS A 366 -8.56 -28.75 -20.93
CA CYS A 366 -8.05 -29.99 -20.36
C CYS A 366 -7.37 -30.84 -21.43
N MET A 367 -6.26 -31.48 -21.06
CA MET A 367 -5.51 -32.33 -21.97
C MET A 367 -5.01 -33.57 -21.26
N ASP A 368 -5.12 -34.73 -21.92
CA ASP A 368 -4.68 -36.00 -21.35
C ASP A 368 -3.44 -36.55 -22.04
N ARG A 369 -2.92 -35.79 -23.02
CA ARG A 369 -1.70 -36.14 -23.72
C ARG A 369 -0.58 -35.16 -23.39
N LEU A 370 0.53 -35.68 -22.87
CA LEU A 370 1.63 -34.85 -22.41
C LEU A 370 2.23 -33.99 -23.52
N GLU A 371 2.46 -34.60 -24.68
CA GLU A 371 3.09 -33.92 -25.80
C GLU A 371 2.32 -32.68 -26.24
N GLU A 372 1.02 -32.86 -26.50
CA GLU A 372 0.17 -31.76 -26.95
C GLU A 372 0.11 -30.63 -25.95
N ILE A 373 -0.02 -30.97 -24.67
CA ILE A 373 -0.08 -29.97 -23.61
C ILE A 373 1.25 -29.23 -23.48
N LEU A 374 2.34 -29.99 -23.50
CA LEU A 374 3.67 -29.40 -23.40
C LEU A 374 3.97 -28.51 -24.61
N LYS A 375 3.33 -28.83 -25.73
CA LYS A 375 3.51 -28.05 -26.95
C LYS A 375 2.91 -26.65 -26.79
N LEU A 376 1.78 -26.57 -26.11
CA LEU A 376 1.10 -25.29 -25.89
C LEU A 376 1.83 -24.48 -24.83
N VAL A 390 -0.28 -22.37 -15.97
CA VAL A 390 -0.47 -23.24 -14.81
C VAL A 390 -1.19 -24.53 -15.20
N VAL A 391 -0.65 -25.66 -14.76
CA VAL A 391 -1.23 -26.97 -15.01
C VAL A 391 -1.56 -27.69 -13.71
N GLN A 392 -2.82 -28.11 -13.57
CA GLN A 392 -3.27 -28.80 -12.36
C GLN A 392 -3.86 -30.17 -12.71
N LYS A 393 -3.73 -31.11 -11.79
CA LYS A 393 -4.29 -32.45 -12.00
C LYS A 393 -5.81 -32.42 -11.87
N TYR A 394 -6.48 -32.93 -12.88
CA TYR A 394 -7.94 -32.99 -12.88
C TYR A 394 -8.43 -34.08 -11.94
N ILE A 395 -9.46 -33.76 -11.16
CA ILE A 395 -10.09 -34.73 -10.28
C ILE A 395 -11.01 -35.63 -11.08
N GLU A 396 -10.50 -36.79 -11.47
CA GLU A 396 -11.25 -37.70 -12.33
C GLU A 396 -12.27 -38.52 -11.56
N ARG A 397 -11.96 -38.80 -10.30
CA ARG A 397 -12.82 -39.65 -9.46
C ARG A 397 -13.31 -38.92 -8.22
N PRO A 398 -14.18 -37.90 -8.40
CA PRO A 398 -14.77 -37.20 -7.27
C PRO A 398 -15.99 -37.93 -6.72
N LEU A 399 -16.46 -37.53 -5.54
CA LEU A 399 -17.70 -38.07 -5.01
C LEU A 399 -18.86 -37.60 -5.87
N LEU A 400 -19.68 -38.56 -6.31
CA LEU A 400 -20.89 -38.24 -7.06
C LEU A 400 -22.10 -38.48 -6.17
N ILE A 401 -23.15 -37.68 -6.37
CA ILE A 401 -24.38 -37.80 -5.60
C ILE A 401 -25.40 -38.65 -6.37
N PHE A 402 -25.80 -38.17 -7.55
CA PHE A 402 -26.68 -38.94 -8.43
C PHE A 402 -26.04 -39.11 -9.80
N GLY A 403 -24.77 -39.53 -9.80
CA GLY A 403 -24.02 -39.69 -11.04
C GLY A 403 -23.51 -38.37 -11.60
N THR A 404 -23.88 -37.27 -10.94
CA THR A 404 -23.51 -35.94 -11.39
C THR A 404 -22.47 -35.33 -10.45
N LYS A 405 -21.53 -34.58 -11.01
CA LYS A 405 -20.50 -33.92 -10.22
C LYS A 405 -21.09 -32.75 -9.44
N PHE A 406 -20.41 -32.37 -8.36
CA PHE A 406 -20.88 -31.25 -7.53
C PHE A 406 -19.73 -30.66 -6.74
N ASP A 407 -19.96 -29.46 -6.19
CA ASP A 407 -19.02 -28.83 -5.28
C ASP A 407 -19.78 -28.15 -4.14
N VAL A 408 -19.03 -27.63 -3.18
CA VAL A 408 -19.61 -26.91 -2.05
C VAL A 408 -19.03 -25.50 -1.99
N ARG A 409 -19.92 -24.50 -1.95
CA ARG A 409 -19.52 -23.12 -1.75
C ARG A 409 -19.49 -22.82 -0.26
N GLN A 410 -18.29 -22.65 0.30
CA GLN A 410 -18.11 -22.38 1.72
C GLN A 410 -17.65 -20.94 1.94
N TRP A 411 -18.38 -20.22 2.78
CA TRP A 411 -18.04 -18.82 3.08
C TRP A 411 -17.17 -18.72 4.32
N PHE A 412 -16.24 -17.76 4.29
CA PHE A 412 -15.49 -17.39 5.49
C PHE A 412 -15.14 -15.90 5.46
N LEU A 413 -14.95 -15.34 6.64
CA LEU A 413 -14.75 -13.91 6.81
C LEU A 413 -13.40 -13.63 7.45
N VAL A 414 -12.64 -12.71 6.85
CA VAL A 414 -11.40 -12.24 7.43
C VAL A 414 -11.60 -10.81 7.95
N THR A 415 -11.27 -10.58 9.21
CA THR A 415 -11.45 -9.29 9.85
C THR A 415 -10.14 -8.70 10.33
N ASP A 416 -9.05 -9.44 10.13
CA ASP A 416 -7.73 -8.98 10.54
C ASP A 416 -6.66 -9.91 9.96
N TRP A 417 -5.52 -9.35 9.56
CA TRP A 417 -4.43 -10.13 8.99
C TRP A 417 -3.25 -10.26 9.96
N ASN A 418 -3.34 -9.59 11.11
CA ASN A 418 -2.29 -9.65 12.11
C ASN A 418 -2.80 -9.14 13.45
N PRO A 419 -3.33 -10.05 14.29
CA PRO A 419 -3.42 -11.50 14.09
C PRO A 419 -4.38 -11.90 12.98
N LEU A 420 -3.99 -12.89 12.18
CA LEU A 420 -4.86 -13.44 11.16
C LEU A 420 -6.13 -14.00 11.80
N THR A 421 -7.26 -13.36 11.52
CA THR A 421 -8.52 -13.70 12.18
C THR A 421 -9.54 -14.16 11.14
N ILE A 422 -9.96 -15.43 11.26
CA ILE A 422 -10.83 -16.06 10.27
C ILE A 422 -12.11 -16.61 10.91
N TRP A 423 -13.26 -16.18 10.39
CA TRP A 423 -14.55 -16.68 10.84
C TRP A 423 -15.14 -17.63 9.81
N PHE A 424 -15.61 -18.78 10.29
CA PHE A 424 -16.11 -19.86 9.44
C PHE A 424 -17.64 -19.93 9.54
N TYR A 425 -18.33 -19.85 8.41
CA TYR A 425 -19.78 -19.93 8.41
C TYR A 425 -20.23 -21.39 8.45
N LYS A 426 -20.99 -21.75 9.47
CA LYS A 426 -21.37 -23.14 9.72
C LYS A 426 -22.54 -23.59 8.86
N GLU A 427 -22.86 -22.81 7.83
CA GLU A 427 -23.84 -23.21 6.82
C GLU A 427 -23.26 -22.96 5.44
N CYS A 428 -23.47 -23.91 4.54
CA CYS A 428 -23.02 -23.77 3.16
C CYS A 428 -24.05 -24.42 2.24
N TYR A 429 -23.74 -24.49 0.94
CA TYR A 429 -24.65 -25.12 -0.01
C TYR A 429 -23.91 -25.83 -1.12
N VAL A 430 -24.57 -26.84 -1.69
CA VAL A 430 -24.03 -27.65 -2.77
C VAL A 430 -24.51 -27.12 -4.12
N ARG A 431 -23.62 -27.16 -5.12
CA ARG A 431 -23.99 -26.78 -6.48
C ARG A 431 -23.77 -27.96 -7.43
N PHE A 432 -24.87 -28.43 -8.03
CA PHE A 432 -24.81 -29.57 -8.95
C PHE A 432 -24.42 -29.11 -10.35
N SER A 433 -23.60 -29.91 -11.02
CA SER A 433 -23.17 -29.61 -12.38
C SER A 433 -24.33 -29.73 -13.36
N VAL A 467 -31.03 -34.70 -8.78
CA VAL A 467 -30.61 -33.40 -9.27
C VAL A 467 -31.79 -32.43 -9.30
N PRO A 468 -31.95 -31.62 -8.23
CA PRO A 468 -33.10 -30.71 -8.19
C PRO A 468 -33.10 -29.69 -9.33
N THR A 469 -34.27 -29.09 -9.59
CA THR A 469 -34.42 -28.16 -10.70
C THR A 469 -33.50 -26.95 -10.59
N ASP A 470 -33.28 -26.48 -9.36
CA ASP A 470 -32.41 -25.34 -9.12
C ASP A 470 -30.96 -25.76 -8.94
N ASN A 471 -30.70 -27.06 -9.15
CA ASN A 471 -29.33 -27.60 -9.18
C ASN A 471 -28.55 -27.36 -7.89
N MET A 472 -29.25 -27.29 -6.76
CA MET A 472 -28.59 -27.00 -5.49
C MET A 472 -29.23 -27.62 -4.27
N TRP A 473 -28.42 -27.78 -3.23
CA TRP A 473 -28.82 -28.37 -1.96
C TRP A 473 -28.33 -27.55 -0.79
N SER A 474 -29.13 -27.51 0.28
CA SER A 474 -28.70 -26.91 1.53
C SER A 474 -27.64 -27.78 2.17
N SER A 475 -26.90 -27.24 3.12
CA SER A 475 -25.95 -28.00 3.89
C SER A 475 -26.66 -29.12 4.65
N ARG A 476 -27.91 -28.86 5.03
CA ARG A 476 -28.70 -29.83 5.77
C ARG A 476 -29.09 -31.03 4.91
N GLN A 477 -29.48 -30.76 3.67
CA GLN A 477 -29.87 -31.83 2.75
C GLN A 477 -28.71 -32.76 2.45
N LEU A 478 -27.52 -32.18 2.30
CA LEU A 478 -26.33 -32.97 1.99
C LEU A 478 -26.00 -33.92 3.14
N GLN A 479 -26.17 -33.44 4.36
CA GLN A 479 -25.90 -34.26 5.55
C GLN A 479 -26.82 -35.48 5.59
N VAL A 480 -28.08 -35.29 5.22
CA VAL A 480 -29.04 -36.37 5.17
C VAL A 480 -28.62 -37.40 4.12
N HIS A 481 -28.20 -36.92 2.96
CA HIS A 481 -27.76 -37.79 1.88
C HIS A 481 -26.56 -38.63 2.32
N LEU A 482 -25.64 -38.01 3.04
CA LEU A 482 -24.46 -38.70 3.55
C LEU A 482 -24.86 -39.81 4.51
N HIS A 483 -25.86 -39.55 5.34
CA HIS A 483 -26.38 -40.56 6.25
C HIS A 483 -27.00 -41.71 5.47
N LYS A 484 -27.69 -41.38 4.38
CA LYS A 484 -28.30 -42.39 3.52
C LYS A 484 -27.23 -43.27 2.88
N LEU A 485 -26.03 -42.71 2.72
CA LEU A 485 -24.90 -43.46 2.19
C LEU A 485 -24.21 -44.29 3.29
N GLY A 486 -24.74 -44.18 4.51
CA GLY A 486 -24.17 -44.89 5.65
C GLY A 486 -22.81 -44.35 6.05
N ALA A 487 -22.66 -43.02 5.98
CA ALA A 487 -21.42 -42.35 6.36
C ALA A 487 -21.70 -41.25 7.38
N PRO A 488 -22.13 -41.64 8.59
CA PRO A 488 -22.49 -40.68 9.65
C PRO A 488 -21.31 -39.89 10.19
N HIS A 489 -20.10 -40.25 9.78
CA HIS A 489 -18.89 -39.59 10.26
C HIS A 489 -18.43 -38.48 9.33
N ALA A 490 -18.80 -38.58 8.06
CA ALA A 490 -18.19 -37.80 6.99
C ALA A 490 -18.28 -36.28 7.22
N TRP A 491 -19.45 -35.80 7.59
CA TRP A 491 -19.67 -34.36 7.68
C TRP A 491 -18.86 -33.75 8.83
N GLU A 492 -19.05 -34.27 10.04
CA GLU A 492 -18.49 -33.67 11.23
C GLU A 492 -17.00 -33.98 11.42
N ALA A 493 -16.57 -35.18 11.03
CA ALA A 493 -15.22 -35.63 11.33
C ALA A 493 -14.24 -35.43 10.19
N VAL A 494 -14.74 -35.26 8.97
CA VAL A 494 -13.88 -35.20 7.79
C VAL A 494 -14.09 -33.92 6.97
N ILE A 495 -15.33 -33.69 6.55
CA ILE A 495 -15.63 -32.60 5.65
C ILE A 495 -15.41 -31.22 6.29
N VAL A 496 -16.12 -30.95 7.37
CA VAL A 496 -16.06 -29.64 8.02
C VAL A 496 -14.65 -29.33 8.53
N PRO A 497 -14.02 -30.26 9.26
CA PRO A 497 -12.65 -29.99 9.71
C PRO A 497 -11.69 -29.78 8.54
N GLY A 498 -11.91 -30.52 7.45
CA GLY A 498 -11.06 -30.42 6.28
C GLY A 498 -11.20 -29.09 5.57
N MET A 499 -12.41 -28.56 5.50
CA MET A 499 -12.65 -27.28 4.87
C MET A 499 -12.03 -26.15 5.70
N LYS A 500 -12.21 -26.23 7.01
CA LYS A 500 -11.63 -25.27 7.94
C LYS A 500 -10.11 -25.19 7.77
N ALA A 501 -9.46 -26.35 7.74
CA ALA A 501 -8.01 -26.42 7.64
C ALA A 501 -7.52 -25.83 6.31
N ALA A 502 -8.18 -26.19 5.23
CA ALA A 502 -7.80 -25.71 3.90
C ALA A 502 -7.87 -24.18 3.83
N ILE A 503 -8.92 -23.63 4.41
CA ILE A 503 -9.10 -22.18 4.43
C ILE A 503 -7.97 -21.52 5.22
N ILE A 504 -7.67 -22.05 6.41
CA ILE A 504 -6.59 -21.51 7.24
C ILE A 504 -5.25 -21.58 6.52
N HIS A 505 -4.97 -22.72 5.88
CA HIS A 505 -3.71 -22.90 5.16
C HIS A 505 -3.60 -21.93 3.99
N ALA A 506 -4.72 -21.67 3.33
CA ALA A 506 -4.74 -20.75 2.20
C ALA A 506 -4.49 -19.32 2.66
N MET A 507 -4.97 -18.97 3.85
CA MET A 507 -4.81 -17.63 4.37
C MET A 507 -3.39 -17.41 4.91
N GLN A 508 -2.90 -18.37 5.67
CA GLN A 508 -1.61 -18.20 6.34
C GLN A 508 -0.44 -18.29 5.37
N SER A 509 -0.67 -18.86 4.19
CA SER A 509 0.37 -18.99 3.18
C SER A 509 0.33 -17.85 2.17
N ALA A 510 -0.60 -16.92 2.36
CA ALA A 510 -0.66 -15.73 1.53
C ALA A 510 0.46 -14.77 1.93
N GLN A 511 1.27 -14.37 0.95
CA GLN A 511 2.46 -13.56 1.23
C GLN A 511 2.38 -12.17 0.59
N ASP A 512 1.43 -11.98 -0.31
CA ASP A 512 1.33 -10.73 -1.07
C ASP A 512 0.66 -9.61 -0.28
N ILE A 513 0.22 -9.92 0.94
CA ILE A 513 -0.48 -8.94 1.77
C ILE A 513 0.49 -8.20 2.68
N VAL A 514 0.74 -6.93 2.38
CA VAL A 514 1.65 -6.11 3.17
C VAL A 514 0.86 -5.24 4.15
N GLU A 515 0.17 -4.24 3.63
CA GLU A 515 -0.62 -3.34 4.45
C GLU A 515 -2.12 -3.65 4.37
N TYR A 516 -2.84 -3.32 5.43
CA TYR A 516 -4.28 -3.54 5.49
C TYR A 516 -4.89 -2.60 6.53
N ARG A 517 -6.12 -2.16 6.27
CA ARG A 517 -6.83 -1.31 7.22
C ARG A 517 -7.48 -2.16 8.30
N LYS A 518 -7.31 -1.73 9.56
CA LYS A 518 -7.89 -2.44 10.69
C LYS A 518 -9.42 -2.40 10.65
N SER A 519 -9.97 -1.34 10.08
CA SER A 519 -11.42 -1.17 10.00
C SER A 519 -12.01 -1.76 8.72
N SER A 520 -11.16 -2.43 7.94
CA SER A 520 -11.63 -3.15 6.76
C SER A 520 -11.81 -4.62 7.09
N PHE A 521 -12.60 -5.31 6.28
CA PHE A 521 -12.84 -6.74 6.42
C PHE A 521 -13.25 -7.27 5.05
N GLU A 522 -13.37 -8.58 4.91
CA GLU A 522 -13.79 -9.14 3.62
C GLU A 522 -14.32 -10.56 3.75
N LEU A 523 -15.44 -10.80 3.09
CA LEU A 523 -16.04 -12.13 3.01
C LEU A 523 -15.52 -12.85 1.77
N TYR A 524 -15.04 -14.07 1.97
CA TYR A 524 -14.52 -14.88 0.86
C TYR A 524 -15.39 -16.11 0.64
N GLY A 525 -15.35 -16.63 -0.59
CA GLY A 525 -16.04 -17.85 -0.95
C GLY A 525 -15.05 -18.91 -1.39
N ALA A 526 -15.09 -20.07 -0.74
CA ALA A 526 -14.21 -21.19 -1.10
C ALA A 526 -15.00 -22.32 -1.74
N ASP A 527 -14.51 -22.81 -2.88
CA ASP A 527 -15.12 -23.93 -3.58
C ASP A 527 -14.40 -25.23 -3.26
N PHE A 528 -15.15 -26.22 -2.77
CA PHE A 528 -14.60 -27.53 -2.45
C PHE A 528 -15.29 -28.65 -3.22
N MET A 529 -14.49 -29.58 -3.73
CA MET A 529 -14.99 -30.86 -4.21
C MET A 529 -14.59 -31.92 -3.21
N PHE A 530 -15.07 -33.14 -3.39
CA PHE A 530 -14.83 -34.20 -2.42
C PHE A 530 -14.49 -35.52 -3.10
N GLY A 531 -13.63 -36.30 -2.46
CA GLY A 531 -13.29 -37.63 -2.94
C GLY A 531 -14.30 -38.63 -2.43
N GLU A 532 -14.19 -39.87 -2.90
CA GLU A 532 -15.10 -40.92 -2.48
C GLU A 532 -14.97 -41.20 -0.98
N ASN A 533 -13.82 -40.81 -0.42
CA ASN A 533 -13.59 -40.92 1.02
C ASN A 533 -14.07 -39.68 1.77
N PHE A 534 -14.79 -38.81 1.08
CA PHE A 534 -15.40 -37.61 1.65
C PHE A 534 -14.37 -36.54 2.07
N HIS A 535 -13.11 -36.72 1.68
CA HIS A 535 -12.09 -35.71 1.98
C HIS A 535 -12.27 -34.49 1.08
N PRO A 536 -12.31 -33.29 1.67
CA PRO A 536 -12.53 -32.09 0.86
C PRO A 536 -11.29 -31.68 0.08
N TRP A 537 -11.49 -31.15 -1.12
CA TRP A 537 -10.41 -30.66 -1.97
C TRP A 537 -10.69 -29.23 -2.40
N LEU A 538 -9.80 -28.31 -2.02
CA LEU A 538 -9.94 -26.90 -2.36
C LEU A 538 -9.67 -26.69 -3.85
N ILE A 539 -10.69 -26.19 -4.55
CA ILE A 539 -10.56 -25.90 -5.99
C ILE A 539 -10.15 -24.44 -6.17
N GLN A 540 -10.85 -23.52 -5.50
CA GLN A 540 -10.53 -22.10 -5.63
C GLN A 540 -11.14 -21.26 -4.51
N ILE A 541 -10.67 -20.02 -4.42
CA ILE A 541 -11.17 -19.06 -3.45
C ILE A 541 -11.57 -17.76 -4.18
N ASN A 542 -12.76 -17.25 -3.86
CA ASN A 542 -13.30 -16.08 -4.52
C ASN A 542 -13.53 -14.92 -3.55
N ALA A 543 -13.14 -13.73 -3.96
CA ALA A 543 -13.41 -12.52 -3.18
C ALA A 543 -14.78 -11.98 -3.52
N SER A 544 -15.53 -11.60 -2.48
CA SER A 544 -16.88 -11.06 -2.65
C SER A 544 -17.77 -12.00 -3.45
N PRO A 545 -18.07 -13.17 -2.88
CA PRO A 545 -18.96 -14.13 -3.54
C PRO A 545 -20.35 -13.56 -3.78
N THR A 546 -21.08 -14.13 -4.74
CA THR A 546 -22.40 -13.63 -5.10
C THR A 546 -23.38 -13.73 -3.94
N MET A 547 -24.13 -12.64 -3.73
CA MET A 547 -25.22 -12.63 -2.75
C MET A 547 -26.55 -12.62 -3.49
N ALA A 548 -26.55 -13.11 -4.72
CA ALA A 548 -27.75 -13.16 -5.54
C ALA A 548 -28.74 -14.20 -5.05
N ALA A 549 -29.99 -13.78 -4.89
CA ALA A 549 -31.06 -14.69 -4.49
C ALA A 549 -31.51 -15.52 -5.69
N SER A 550 -30.57 -16.29 -6.25
CA SER A 550 -30.84 -17.05 -7.46
C SER A 550 -31.83 -18.20 -7.23
N THR A 551 -31.70 -18.87 -6.08
CA THR A 551 -32.53 -20.01 -5.75
C THR A 551 -33.05 -19.90 -4.33
N THR A 552 -33.96 -20.80 -3.97
CA THR A 552 -34.54 -20.82 -2.63
C THR A 552 -33.47 -21.01 -1.56
N VAL A 553 -32.40 -21.72 -1.90
CA VAL A 553 -31.34 -22.01 -0.95
C VAL A 553 -30.42 -20.80 -0.73
N THR A 554 -30.02 -20.14 -1.83
CA THR A 554 -29.15 -18.97 -1.74
C THR A 554 -29.87 -17.76 -1.15
N SER A 555 -31.16 -17.61 -1.46
CA SER A 555 -31.94 -16.49 -0.96
C SER A 555 -31.87 -16.42 0.56
N ARG A 556 -31.97 -17.58 1.20
CA ARG A 556 -31.94 -17.67 2.65
C ARG A 556 -30.51 -17.49 3.18
N LEU A 557 -29.57 -18.24 2.64
CA LEU A 557 -28.20 -18.25 3.14
C LEU A 557 -27.47 -16.93 2.90
N CYS A 558 -27.66 -16.33 1.74
CA CYS A 558 -27.02 -15.06 1.43
C CYS A 558 -27.54 -13.96 2.34
N ALA A 559 -28.84 -14.00 2.63
CA ALA A 559 -29.45 -13.00 3.52
C ALA A 559 -28.89 -13.14 4.92
N GLU A 560 -28.70 -14.39 5.35
CA GLU A 560 -28.24 -14.67 6.70
C GLU A 560 -26.76 -14.35 6.90
N VAL A 561 -25.94 -14.66 5.90
CA VAL A 561 -24.50 -14.43 6.05
C VAL A 561 -24.22 -12.93 6.06
N GLN A 562 -25.05 -12.16 5.34
CA GLN A 562 -24.93 -10.71 5.34
C GLN A 562 -25.25 -10.16 6.72
N GLU A 563 -26.38 -10.59 7.28
CA GLU A 563 -26.77 -10.17 8.62
C GLU A 563 -25.74 -10.60 9.65
N ASP A 564 -25.28 -11.84 9.55
CA ASP A 564 -24.33 -12.40 10.51
C ASP A 564 -22.96 -11.74 10.38
N THR A 565 -22.64 -11.25 9.19
CA THR A 565 -21.40 -10.50 9.00
C THR A 565 -21.45 -9.20 9.81
N LEU A 566 -22.61 -8.54 9.79
CA LEU A 566 -22.78 -7.30 10.54
C LEU A 566 -22.68 -7.56 12.04
N ARG A 567 -23.11 -8.73 12.48
CA ARG A 567 -23.00 -9.09 13.89
C ARG A 567 -21.54 -9.11 14.34
N ILE A 568 -20.65 -9.53 13.45
CA ILE A 568 -19.24 -9.60 13.77
C ILE A 568 -18.55 -8.24 13.69
N VAL A 569 -18.78 -7.52 12.60
CA VAL A 569 -18.01 -6.29 12.36
C VAL A 569 -18.59 -5.08 13.10
N LEU A 570 -19.86 -5.16 13.51
CA LEU A 570 -20.49 -4.05 14.25
C LEU A 570 -20.87 -4.44 15.67
N ASP A 571 -21.77 -5.41 15.83
CA ASP A 571 -22.34 -5.71 17.14
C ASP A 571 -21.28 -6.15 18.16
N ARG A 572 -20.22 -6.82 17.69
CA ARG A 572 -19.19 -7.32 18.60
C ARG A 572 -18.34 -6.18 19.18
N LYS A 573 -18.36 -5.03 18.52
CA LYS A 573 -17.65 -3.86 19.03
C LYS A 573 -18.35 -3.32 20.28
N LEU A 574 -19.66 -3.56 20.37
CA LEU A 574 -20.46 -3.07 21.48
C LEU A 574 -20.56 -4.11 22.60
N ASP A 575 -20.64 -5.38 22.20
CA ASP A 575 -20.71 -6.48 23.15
C ASP A 575 -19.87 -7.66 22.67
N ARG A 576 -18.76 -7.91 23.36
CA ARG A 576 -17.79 -8.93 22.94
C ARG A 576 -18.37 -10.34 22.97
N ASN A 577 -19.45 -10.54 23.71
CA ASN A 577 -20.06 -11.86 23.88
C ASN A 577 -21.41 -11.98 23.19
N CYS A 578 -21.66 -11.13 22.20
CA CYS A 578 -22.94 -11.12 21.51
C CYS A 578 -23.05 -12.27 20.52
N ASP A 579 -24.27 -12.57 20.10
CA ASP A 579 -24.52 -13.60 19.10
C ASP A 579 -24.01 -13.16 17.74
N ILE A 580 -23.34 -14.08 17.04
CA ILE A 580 -22.81 -13.82 15.70
C ILE A 580 -23.41 -14.79 14.69
N GLY A 581 -24.63 -15.25 14.97
CA GLY A 581 -25.33 -16.14 14.06
C GLY A 581 -24.62 -17.45 13.83
N ALA A 582 -24.50 -17.83 12.56
CA ALA A 582 -23.93 -19.13 12.20
C ALA A 582 -22.41 -19.06 11.99
N PHE A 583 -21.82 -17.90 12.27
CA PHE A 583 -20.36 -17.76 12.16
C PHE A 583 -19.65 -18.40 13.34
N GLU A 584 -18.42 -18.83 13.11
CA GLU A 584 -17.58 -19.44 14.13
C GLU A 584 -16.13 -19.03 13.95
N LEU A 585 -15.49 -18.60 15.03
CA LEU A 585 -14.06 -18.28 14.98
C LEU A 585 -13.24 -19.57 14.95
N ILE A 586 -12.46 -19.75 13.88
CA ILE A 586 -11.65 -20.96 13.71
C ILE A 586 -10.15 -20.70 13.75
N TYR A 587 -9.76 -19.42 13.80
CA TYR A 587 -8.34 -19.08 13.79
C TYR A 587 -8.10 -17.62 14.19
N LYS A 588 -7.16 -17.42 15.11
CA LYS A 588 -6.78 -16.06 15.52
C LYS A 588 -5.31 -16.03 15.94
N GLN A 589 -4.43 -15.87 14.94
CA GLN A 589 -2.99 -15.79 15.19
C GLN A 589 -2.33 -14.84 14.21
N GLY B 24 -23.74 24.24 -39.08
CA GLY B 24 -22.97 23.12 -38.57
C GLY B 24 -21.92 22.65 -39.57
N ILE B 25 -21.06 21.76 -39.12
CA ILE B 25 -20.02 21.19 -39.99
C ILE B 25 -19.75 19.73 -39.61
N ALA B 26 -19.63 18.88 -40.61
CA ALA B 26 -19.39 17.46 -40.41
C ALA B 26 -17.90 17.18 -40.30
N VAL B 27 -17.56 16.00 -39.81
CA VAL B 27 -16.16 15.60 -39.66
C VAL B 27 -15.50 15.39 -41.02
N ASN B 28 -14.31 15.94 -41.19
CA ASN B 28 -13.55 15.74 -42.42
C ASN B 28 -13.25 14.26 -42.63
N PRO B 29 -13.54 13.74 -43.84
CA PRO B 29 -13.25 12.32 -44.09
C PRO B 29 -11.75 12.04 -44.13
N ASP B 30 -10.95 13.10 -44.29
CA ASP B 30 -9.50 12.98 -44.28
C ASP B 30 -8.97 13.09 -42.85
N ARG B 31 -9.65 13.90 -42.03
CA ARG B 31 -9.27 14.08 -40.64
C ARG B 31 -9.53 12.80 -39.85
N LEU B 32 -10.62 12.12 -40.19
CA LEU B 32 -10.99 10.87 -39.53
C LEU B 32 -10.01 9.76 -39.88
N LYS B 33 -9.68 9.65 -41.16
CA LYS B 33 -8.72 8.65 -41.62
C LYS B 33 -7.35 8.89 -40.99
N HIS B 34 -6.97 10.16 -40.86
CA HIS B 34 -5.72 10.53 -40.23
C HIS B 34 -5.73 10.18 -38.74
N ALA B 35 -6.86 10.46 -38.09
CA ALA B 35 -7.01 10.19 -36.67
C ALA B 35 -6.92 8.70 -36.38
N LYS B 36 -7.66 7.90 -37.14
CA LYS B 36 -7.67 6.46 -36.97
C LYS B 36 -6.29 5.86 -37.18
N ALA B 37 -5.51 6.48 -38.05
CA ALA B 37 -4.16 6.01 -38.33
C ALA B 37 -3.23 6.26 -37.15
N LEU B 38 -3.36 7.42 -36.53
CA LEU B 38 -2.50 7.79 -35.40
C LEU B 38 -2.89 7.03 -34.14
N VAL B 39 -4.18 6.76 -33.98
CA VAL B 39 -4.66 6.01 -32.83
C VAL B 39 -4.20 4.55 -32.89
N GLU B 40 -4.34 3.94 -34.07
CA GLU B 40 -3.94 2.56 -34.27
C GLU B 40 -2.46 2.38 -33.98
N LYS B 41 -1.65 3.32 -34.45
CA LYS B 41 -0.21 3.28 -34.24
C LYS B 41 0.14 3.49 -32.77
N ALA B 42 -0.58 4.41 -32.12
CA ALA B 42 -0.32 4.74 -30.73
C ALA B 42 -0.68 3.58 -29.80
N ILE B 43 -1.75 2.86 -30.14
CA ILE B 43 -2.18 1.70 -29.37
C ILE B 43 -1.15 0.59 -29.49
N LYS B 44 -0.64 0.39 -30.70
CA LYS B 44 0.33 -0.66 -30.97
C LYS B 44 1.69 -0.34 -30.33
N GLN B 45 2.02 0.95 -30.27
CA GLN B 45 3.30 1.38 -29.72
C GLN B 45 3.22 1.71 -28.24
N LYS B 46 2.02 1.58 -27.66
CA LYS B 46 1.80 1.87 -26.25
C LYS B 46 2.21 3.31 -25.93
N LYS B 47 1.78 4.24 -26.77
CA LYS B 47 2.07 5.66 -26.60
C LYS B 47 0.78 6.45 -26.37
N ILE B 48 -0.09 5.90 -25.53
CA ILE B 48 -1.29 6.62 -25.08
C ILE B 48 -1.02 7.22 -23.72
N PHE B 49 -1.43 8.47 -23.54
CA PHE B 49 -1.28 9.13 -22.25
C PHE B 49 -2.54 9.91 -21.88
N ALA B 50 -2.68 10.19 -20.59
CA ALA B 50 -3.80 10.98 -20.09
C ALA B 50 -3.27 11.96 -19.06
N ILE B 51 -3.85 13.16 -19.02
CA ILE B 51 -3.42 14.20 -18.10
C ILE B 51 -4.60 14.73 -17.31
N HIS B 52 -4.44 14.78 -15.99
CA HIS B 52 -5.41 15.42 -15.11
C HIS B 52 -4.74 16.57 -14.38
N GLY B 53 -5.02 17.79 -14.85
CA GLY B 53 -4.42 18.99 -14.29
C GLY B 53 -3.83 19.86 -15.38
N PRO B 54 -3.41 21.08 -15.01
CA PRO B 54 -2.84 22.03 -15.98
C PRO B 54 -1.37 21.75 -16.26
N TYR B 55 -1.11 20.89 -17.25
CA TYR B 55 0.26 20.52 -17.59
C TYR B 55 0.47 20.52 -19.11
N PRO B 56 0.39 21.72 -19.73
CA PRO B 56 0.57 21.86 -21.18
C PRO B 56 1.97 21.48 -21.65
N VAL B 57 2.96 21.60 -20.77
CA VAL B 57 4.33 21.24 -21.12
C VAL B 57 4.45 19.73 -21.29
N ILE B 58 3.90 18.98 -20.34
CA ILE B 58 3.87 17.52 -20.43
C ILE B 58 3.15 17.10 -21.71
N ARG B 59 2.03 17.73 -21.98
CA ARG B 59 1.24 17.44 -23.17
C ARG B 59 2.07 17.65 -24.44
N SER B 60 2.72 18.80 -24.55
CA SER B 60 3.49 19.13 -25.74
C SER B 60 4.72 18.23 -25.88
N CYS B 61 5.36 17.90 -24.78
CA CYS B 61 6.56 17.07 -24.80
C CYS B 61 6.24 15.63 -25.23
N LEU B 62 5.12 15.10 -24.74
CA LEU B 62 4.70 13.76 -25.12
C LEU B 62 4.24 13.74 -26.58
N ARG B 63 3.60 14.82 -27.01
CA ARG B 63 3.16 14.94 -28.39
C ARG B 63 4.33 14.95 -29.37
N SER B 64 5.42 15.61 -28.98
CA SER B 64 6.60 15.66 -29.82
C SER B 64 7.27 14.30 -29.90
N ARG B 65 7.00 13.46 -28.90
CA ARG B 65 7.52 12.10 -28.88
C ARG B 65 6.61 11.13 -29.63
N GLY B 66 5.50 11.64 -30.15
CA GLY B 66 4.58 10.85 -30.95
C GLY B 66 3.45 10.20 -30.16
N TRP B 67 3.24 10.67 -28.93
CA TRP B 67 2.18 10.14 -28.09
C TRP B 67 0.83 10.76 -28.44
N VAL B 68 -0.24 10.05 -28.12
CA VAL B 68 -1.60 10.52 -28.37
C VAL B 68 -2.38 10.58 -27.07
N GLU B 69 -3.16 11.66 -26.90
CA GLU B 69 -3.85 11.91 -25.65
C GLU B 69 -5.26 11.33 -25.59
N LYS B 70 -5.60 10.74 -24.45
CA LYS B 70 -6.98 10.37 -24.15
C LYS B 70 -7.52 11.29 -23.05
N LYS B 71 -8.74 11.80 -23.26
CA LYS B 71 -9.37 12.67 -22.28
C LYS B 71 -9.56 11.95 -20.95
N PHE B 72 -9.27 12.64 -19.85
CA PHE B 72 -9.38 12.05 -18.52
C PHE B 72 -10.84 11.90 -18.12
N THR B 119 -8.87 17.71 -34.01
CA THR B 119 -8.23 16.45 -34.39
C THR B 119 -7.80 15.66 -33.15
N CYS B 120 -7.34 16.39 -32.12
CA CYS B 120 -6.94 15.75 -30.88
C CYS B 120 -8.17 15.28 -30.10
N ASP B 121 -9.28 15.99 -30.29
CA ASP B 121 -10.55 15.61 -29.68
C ASP B 121 -11.10 14.35 -30.35
N LEU B 122 -10.97 14.29 -31.67
CA LEU B 122 -11.47 13.16 -32.44
C LEU B 122 -10.77 11.86 -32.06
N MET B 123 -9.45 11.91 -31.95
CA MET B 123 -8.66 10.74 -31.57
C MET B 123 -9.00 10.29 -30.15
N SER B 124 -9.31 11.26 -29.28
CA SER B 124 -9.65 10.96 -27.91
C SER B 124 -10.90 10.08 -27.82
N ARG B 125 -11.89 10.38 -28.65
CA ARG B 125 -13.12 9.60 -28.68
C ARG B 125 -12.85 8.20 -29.24
N LEU B 126 -11.90 8.12 -30.16
CA LEU B 126 -11.50 6.82 -30.73
C LEU B 126 -10.75 6.00 -29.69
N LEU B 127 -10.28 6.65 -28.64
CA LEU B 127 -9.55 5.99 -27.57
C LEU B 127 -10.46 5.69 -26.38
N ARG B 128 -11.76 5.61 -26.63
CA ARG B 128 -12.75 5.40 -25.58
C ARG B 128 -12.51 4.10 -24.80
N ASN B 129 -12.19 3.03 -25.53
CA ASN B 129 -12.04 1.71 -24.94
C ASN B 129 -10.58 1.30 -24.72
N GLU B 130 -9.68 2.28 -24.71
CA GLU B 130 -8.25 2.03 -24.53
C GLU B 130 -7.76 2.59 -23.20
N ASP B 131 -6.89 1.82 -22.53
CA ASP B 131 -6.27 2.28 -21.29
C ASP B 131 -4.97 3.03 -21.60
N PRO B 132 -4.82 4.25 -21.07
CA PRO B 132 -3.57 4.98 -21.27
C PRO B 132 -2.35 4.24 -20.74
N ASN B 133 -1.19 4.46 -21.37
CA ASN B 133 0.06 3.85 -20.93
C ASN B 133 0.81 4.74 -19.95
N PHE B 134 0.43 6.01 -19.91
CA PHE B 134 1.14 7.01 -19.12
C PHE B 134 0.15 8.01 -18.51
N PHE B 135 0.14 8.10 -17.18
CA PHE B 135 -0.73 9.04 -16.47
C PHE B 135 0.08 10.13 -15.77
N TRP B 136 -0.24 11.38 -16.05
CA TRP B 136 0.35 12.52 -15.34
C TRP B 136 -0.75 13.34 -14.67
N THR B 137 -0.79 13.28 -13.34
CA THR B 137 -1.83 13.95 -12.57
C THR B 137 -1.25 14.86 -11.50
N THR B 138 -2.06 15.82 -11.05
CA THR B 138 -1.68 16.68 -9.95
C THR B 138 -1.61 15.89 -8.66
N LYS B 139 -2.67 15.12 -8.40
CA LYS B 139 -2.80 14.36 -7.16
C LYS B 139 -2.85 12.86 -7.42
N ARG B 140 -2.35 12.09 -6.46
CA ARG B 140 -2.28 10.64 -6.58
C ARG B 140 -3.66 10.00 -6.48
N ASP B 141 -4.65 10.76 -6.04
CA ASP B 141 -6.01 10.26 -5.90
C ASP B 141 -6.74 10.24 -7.24
N ALA B 142 -6.16 10.87 -8.24
CA ALA B 142 -6.75 10.91 -9.57
C ALA B 142 -6.70 9.54 -10.25
N VAL B 143 -5.78 8.70 -9.81
CA VAL B 143 -5.62 7.35 -10.35
C VAL B 143 -5.44 6.33 -9.24
N ASP B 144 -6.41 5.43 -9.11
CA ASP B 144 -6.32 4.33 -8.17
C ASP B 144 -5.39 3.27 -8.76
N CYS B 145 -4.09 3.40 -8.47
CA CYS B 145 -3.07 2.64 -9.17
C CYS B 145 -3.09 1.14 -8.86
N ARG B 146 -3.96 0.73 -7.95
CA ARG B 146 -4.16 -0.68 -7.64
C ARG B 146 -4.52 -1.50 -8.89
N PHE B 147 -5.25 -0.89 -9.81
CA PHE B 147 -5.82 -1.60 -10.95
C PHE B 147 -5.08 -1.32 -12.25
N LEU B 148 -3.94 -0.64 -12.17
CA LEU B 148 -3.10 -0.44 -13.34
C LEU B 148 -2.33 -1.71 -13.64
N LYS B 149 -2.11 -1.97 -14.94
CA LYS B 149 -1.21 -3.04 -15.35
C LYS B 149 0.21 -2.65 -14.99
N LYS B 150 1.08 -3.65 -14.84
CA LYS B 150 2.45 -3.42 -14.40
C LYS B 150 3.18 -2.39 -15.23
N ASP B 151 2.87 -2.33 -16.53
CA ASP B 151 3.59 -1.47 -17.46
C ASP B 151 3.07 -0.03 -17.51
N GLN B 152 1.87 0.20 -17.00
CA GLN B 152 1.27 1.53 -17.02
C GLN B 152 1.98 2.47 -16.05
N MET B 153 2.34 3.66 -16.55
CA MET B 153 3.13 4.60 -15.77
C MET B 153 2.27 5.67 -15.11
N LEU B 154 2.72 6.11 -13.93
CA LEU B 154 2.03 7.12 -13.14
C LEU B 154 3.04 8.00 -12.41
N ASN B 155 2.79 9.30 -12.34
CA ASN B 155 3.73 10.23 -11.71
C ASN B 155 3.48 10.36 -10.21
N HIS B 156 3.01 9.29 -9.58
CA HIS B 156 2.81 9.26 -8.14
C HIS B 156 2.94 7.83 -7.63
N TYR B 157 3.52 7.69 -6.44
CA TYR B 157 3.50 6.42 -5.73
C TYR B 157 2.18 6.33 -4.95
N ALA B 158 1.87 5.15 -4.43
CA ALA B 158 0.62 4.93 -3.72
C ALA B 158 0.52 5.84 -2.50
N LYS B 159 1.62 5.95 -1.76
CA LYS B 159 1.72 6.83 -0.61
C LYS B 159 2.51 8.09 -0.95
N ALA B 160 2.23 9.18 -0.24
CA ALA B 160 3.03 10.39 -0.35
C ALA B 160 4.38 10.18 0.33
N GLY B 161 4.34 9.51 1.49
CA GLY B 161 5.52 9.27 2.30
C GLY B 161 5.48 10.12 3.55
N SER B 162 5.88 9.53 4.66
CA SER B 162 5.85 10.20 5.95
C SER B 162 6.69 11.48 5.94
N PHE B 163 7.76 11.48 5.15
CA PHE B 163 8.69 12.60 5.10
C PHE B 163 8.06 13.86 4.51
N THR B 164 6.88 13.73 3.92
CA THR B 164 6.16 14.89 3.40
C THR B 164 5.34 15.56 4.49
N THR B 165 5.48 15.08 5.72
CA THR B 165 4.87 15.72 6.89
C THR B 165 5.96 16.15 7.85
N LYS B 166 5.68 17.15 8.66
CA LYS B 166 6.65 17.65 9.62
C LYS B 166 6.93 16.61 10.69
N VAL B 167 5.89 15.99 11.21
CA VAL B 167 6.03 15.01 12.28
C VAL B 167 6.76 13.76 11.78
N GLY B 168 6.45 13.33 10.57
CA GLY B 168 7.07 12.14 9.99
C GLY B 168 8.56 12.36 9.79
N LEU B 169 8.90 13.49 9.17
CA LEU B 169 10.29 13.83 8.92
C LEU B 169 11.05 13.93 10.23
N CYS B 170 10.38 14.45 11.26
CA CYS B 170 10.99 14.57 12.59
C CYS B 170 11.25 13.20 13.20
N LEU B 171 10.25 12.33 13.17
CA LEU B 171 10.36 11.00 13.75
C LEU B 171 11.36 10.15 12.97
N ASN B 172 11.42 10.33 11.66
CA ASN B 172 12.32 9.55 10.81
C ASN B 172 13.79 9.90 11.02
N LEU B 173 14.12 11.19 10.98
CA LEU B 173 15.50 11.62 11.09
C LEU B 173 16.05 11.39 12.50
N ARG B 174 15.16 11.20 13.47
CA ARG B 174 15.57 10.87 14.82
C ARG B 174 16.32 9.55 14.86
N ASN B 175 16.01 8.67 13.91
CA ASN B 175 16.63 7.34 13.83
C ASN B 175 17.53 7.22 12.61
N LEU B 176 18.09 8.35 12.16
CA LEU B 176 18.94 8.38 10.98
C LEU B 176 20.18 7.50 11.15
N HIS B 177 20.63 7.34 12.39
CA HIS B 177 21.83 6.57 12.68
C HIS B 177 21.65 5.07 12.34
N TRP B 178 20.41 4.66 12.09
CA TRP B 178 20.14 3.30 11.64
C TRP B 178 20.60 3.08 10.20
N PHE B 179 20.68 4.17 9.44
CA PHE B 179 20.88 4.11 8.00
C PHE B 179 22.18 4.78 7.56
N ASP B 180 22.63 5.77 8.32
CA ASP B 180 23.80 6.55 7.95
C ASP B 180 24.41 7.21 9.18
N ASP B 181 25.73 7.38 9.16
CA ASP B 181 26.43 7.95 10.32
C ASP B 181 26.29 9.46 10.42
N ALA B 182 25.64 10.07 9.43
CA ALA B 182 25.46 11.52 9.42
C ALA B 182 24.59 11.97 10.59
N ASP B 183 24.97 13.08 11.20
CA ASP B 183 24.22 13.66 12.32
C ASP B 183 23.02 14.47 11.79
N PRO B 184 21.80 14.07 12.16
CA PRO B 184 20.63 14.81 11.66
C PRO B 184 20.57 16.27 12.13
N ASP B 185 21.20 16.57 13.26
CA ASP B 185 21.22 17.94 13.78
C ASP B 185 22.07 18.85 12.89
N SER B 186 22.84 18.27 11.98
CA SER B 186 23.72 19.05 11.12
C SER B 186 22.99 19.64 9.91
N PHE B 187 21.73 19.25 9.70
CA PHE B 187 20.98 19.78 8.56
C PHE B 187 19.47 19.86 8.82
N PHE B 188 19.02 19.41 9.98
CA PHE B 188 17.60 19.47 10.33
C PHE B 188 17.42 20.11 11.71
N PRO B 189 16.83 21.32 11.76
CA PRO B 189 16.65 21.96 13.07
C PRO B 189 15.86 21.08 14.03
N ARG B 190 16.41 20.89 15.23
CA ARG B 190 15.88 19.92 16.18
C ARG B 190 14.39 20.11 16.43
N CYS B 191 13.67 18.99 16.46
CA CYS B 191 12.23 18.98 16.59
C CYS B 191 11.80 17.95 17.64
N TYR B 192 10.62 18.15 18.22
CA TYR B 192 10.12 17.26 19.27
C TYR B 192 8.61 17.02 19.12
N ARG B 193 8.20 15.77 19.35
CA ARG B 193 6.79 15.41 19.28
C ARG B 193 6.05 15.83 20.54
N GLU B 199 7.51 11.50 25.91
CA GLU B 199 8.65 12.02 26.66
C GLU B 199 8.89 13.49 26.34
N LYS B 200 8.08 14.36 26.92
CA LYS B 200 8.18 15.80 26.69
C LYS B 200 9.30 16.43 27.53
N GLN B 201 9.99 15.60 28.31
CA GLN B 201 11.09 16.08 29.14
C GLN B 201 12.26 16.54 28.28
N SER B 202 12.45 15.87 27.14
CA SER B 202 13.56 16.19 26.24
C SER B 202 13.47 17.63 25.74
N PHE B 203 12.26 18.08 25.45
CA PHE B 203 12.06 19.44 24.94
C PHE B 203 12.33 20.47 26.02
N LYS B 204 11.88 20.19 27.24
CA LYS B 204 12.11 21.10 28.36
C LYS B 204 13.60 21.31 28.58
N GLU B 205 14.36 20.20 28.59
CA GLU B 205 15.79 20.25 28.80
C GLU B 205 16.49 21.00 27.67
N ASP B 206 15.96 20.88 26.47
CA ASP B 206 16.49 21.59 25.31
C ASP B 206 16.32 23.09 25.50
N PHE B 207 15.10 23.50 25.85
CA PHE B 207 14.78 24.90 26.07
C PHE B 207 15.68 25.49 27.15
N TRP B 208 15.86 24.74 28.24
CA TRP B 208 16.67 25.17 29.36
C TRP B 208 18.12 25.44 28.95
N HIS B 209 18.72 24.49 28.25
CA HIS B 209 20.11 24.61 27.86
C HIS B 209 20.30 25.63 26.75
N THR B 210 19.29 25.78 25.89
CA THR B 210 19.34 26.82 24.87
C THR B 210 19.39 28.19 25.54
N ALA B 211 18.60 28.35 26.60
CA ALA B 211 18.61 29.58 27.39
C ALA B 211 19.95 29.75 28.07
N ALA B 212 20.52 28.65 28.56
CA ALA B 212 21.82 28.68 29.20
C ALA B 212 22.90 29.13 28.21
N ARG B 213 22.89 28.55 27.01
CA ARG B 213 23.84 28.92 25.98
C ARG B 213 23.63 30.38 25.54
N SER B 214 22.38 30.84 25.59
CA SER B 214 22.06 32.21 25.21
C SER B 214 22.72 33.22 26.14
N ILE B 215 22.71 32.92 27.43
CA ILE B 215 23.34 33.79 28.42
C ILE B 215 24.84 33.90 28.14
N LEU B 216 25.47 32.78 27.80
CA LEU B 216 26.90 32.79 27.48
C LEU B 216 27.17 33.67 26.27
N LYS B 217 26.28 33.60 25.28
CA LYS B 217 26.40 34.45 24.10
C LYS B 217 26.27 35.91 24.49
N ARG B 218 25.34 36.20 25.40
CA ARG B 218 25.08 37.55 25.85
C ARG B 218 26.30 38.14 26.57
N VAL B 219 26.83 37.41 27.54
CA VAL B 219 27.95 37.87 28.34
C VAL B 219 29.21 38.02 27.49
N ALA B 220 29.48 37.01 26.67
CA ALA B 220 30.67 37.03 25.81
C ALA B 220 30.65 38.23 24.85
N ASN B 221 29.45 38.64 24.47
CA ASN B 221 29.27 39.78 23.58
C ASN B 221 28.51 40.92 24.25
N SER B 261 18.08 44.75 36.62
CA SER B 261 19.35 44.05 36.77
C SER B 261 19.15 42.66 37.37
N VAL B 262 19.85 41.67 36.81
CA VAL B 262 19.76 40.29 37.27
C VAL B 262 21.04 39.91 38.00
N PRO B 263 20.92 39.16 39.12
CA PRO B 263 22.14 38.79 39.87
C PRO B 263 23.14 37.96 39.06
N VAL B 264 24.38 37.94 39.53
CA VAL B 264 25.46 37.24 38.84
C VAL B 264 25.21 35.74 38.76
N GLN B 265 24.39 35.22 39.67
CA GLN B 265 24.11 33.80 39.76
C GLN B 265 23.67 33.17 38.45
N ILE B 266 23.00 33.95 37.60
CA ILE B 266 22.45 33.41 36.36
C ILE B 266 23.57 32.96 35.42
N ILE B 267 24.75 33.57 35.55
CA ILE B 267 25.89 33.17 34.73
C ILE B 267 26.48 31.87 35.26
N LEU B 268 26.64 31.78 36.58
CA LEU B 268 27.25 30.61 37.20
C LEU B 268 26.46 29.35 36.88
N THR B 269 25.13 29.44 36.93
CA THR B 269 24.27 28.31 36.62
C THR B 269 24.34 27.97 35.13
N ALA B 270 24.43 29.00 34.30
CA ALA B 270 24.51 28.81 32.85
C ALA B 270 25.82 28.13 32.48
N LEU B 271 26.91 28.55 33.12
CA LEU B 271 28.22 27.96 32.88
C LEU B 271 28.25 26.51 33.36
N GLU B 272 27.65 26.26 34.52
CA GLU B 272 27.62 24.92 35.10
C GLU B 272 26.79 23.96 34.25
N ALA B 273 25.69 24.48 33.71
CA ALA B 273 24.80 23.66 32.89
C ALA B 273 25.45 23.28 31.56
N CYS B 274 26.20 24.21 30.99
CA CYS B 274 26.89 23.98 29.73
C CYS B 274 28.09 23.06 29.93
N GLU B 275 28.79 23.24 31.05
CA GLU B 275 29.90 22.37 31.40
C GLU B 275 29.39 20.95 31.65
N ARG B 276 28.21 20.86 32.28
CA ARG B 276 27.59 19.57 32.55
C ARG B 276 27.19 18.89 31.25
N TYR B 277 26.64 19.67 30.32
CA TYR B 277 26.22 19.14 29.03
C TYR B 277 27.42 18.66 28.22
N LEU B 278 28.55 19.37 28.36
CA LEU B 278 29.76 19.02 27.64
C LEU B 278 30.35 17.70 28.15
N ASN B 279 30.25 17.47 29.45
CA ASN B 279 30.72 16.22 30.04
C ASN B 279 29.91 15.03 29.53
N SER B 280 28.60 15.19 29.47
CA SER B 280 27.73 14.15 28.94
C SER B 280 28.07 13.83 27.49
N LEU B 281 28.18 14.88 26.68
CA LEU B 281 28.55 14.73 25.28
C LEU B 281 30.05 14.87 25.10
N ASP B 298 13.66 21.59 38.79
CA ASP B 298 12.71 22.29 37.92
C ASP B 298 12.48 23.71 38.41
N THR B 299 12.26 23.87 39.72
CA THR B 299 12.12 25.19 40.31
C THR B 299 13.41 25.98 40.12
N GLN B 300 14.53 25.29 40.14
CA GLN B 300 15.83 25.91 39.90
C GLN B 300 15.91 26.43 38.48
N TRP B 301 15.36 25.66 37.54
CA TRP B 301 15.32 26.07 36.14
C TRP B 301 14.29 27.17 35.91
N GLU B 302 13.14 27.05 36.58
CA GLU B 302 12.09 28.05 36.48
C GLU B 302 12.62 29.41 36.93
N GLU B 303 13.39 29.40 38.02
CA GLU B 303 13.99 30.63 38.52
C GLU B 303 15.03 31.16 37.54
N PHE B 304 15.79 30.24 36.95
CA PHE B 304 16.79 30.60 35.96
C PHE B 304 16.15 31.27 34.75
N LEU B 305 15.06 30.68 34.27
CA LEU B 305 14.36 31.23 33.10
C LEU B 305 13.76 32.58 33.41
N HIS B 306 13.33 32.78 34.66
CA HIS B 306 12.76 34.05 35.08
C HIS B 306 13.76 35.17 34.85
N GLY B 307 15.01 34.94 35.23
CA GLY B 307 16.08 35.89 35.03
C GLY B 307 16.48 35.96 33.56
N TYR B 308 16.38 34.83 32.88
CA TYR B 308 16.73 34.78 31.46
C TYR B 308 15.76 35.61 30.62
N TYR B 309 14.48 35.52 30.95
CA TYR B 309 13.46 36.27 30.23
C TYR B 309 13.67 37.78 30.39
N GLN B 310 14.18 38.19 31.54
CA GLN B 310 14.40 39.60 31.82
C GLN B 310 15.51 40.18 30.95
N VAL B 311 16.64 39.47 30.85
CA VAL B 311 17.77 39.96 30.08
C VAL B 311 17.50 39.96 28.58
N ILE B 312 16.75 38.97 28.11
CA ILE B 312 16.47 38.84 26.67
C ILE B 312 15.32 39.75 26.23
N HIS B 313 14.19 39.68 26.92
CA HIS B 313 13.00 40.41 26.52
C HIS B 313 12.89 41.76 27.22
N ASP B 314 12.90 41.74 28.56
CA ASP B 314 12.75 42.97 29.34
C ASP B 314 14.01 43.84 29.27
N GLY B 315 15.10 43.27 28.76
CA GLY B 315 16.32 44.01 28.55
C GLY B 315 17.10 44.31 29.82
N ALA B 316 16.98 43.43 30.81
CA ALA B 316 17.71 43.60 32.06
C ALA B 316 19.20 43.32 31.86
N THR B 317 20.01 43.80 32.80
CA THR B 317 21.45 43.59 32.77
C THR B 317 21.82 42.49 33.76
N ILE B 318 23.07 42.02 33.68
CA ILE B 318 23.56 40.98 34.58
C ILE B 318 24.72 41.51 35.41
N GLU B 319 24.58 41.41 36.73
CA GLU B 319 25.57 41.92 37.68
C GLU B 319 26.94 41.26 37.50
N HIS B 320 27.97 42.09 37.39
CA HIS B 320 29.35 41.61 37.34
C HIS B 320 29.61 40.69 36.14
N SER B 321 28.82 40.86 35.09
CA SER B 321 28.97 40.06 33.89
C SER B 321 30.32 40.33 33.21
N GLU B 322 30.89 41.49 33.49
CA GLU B 322 32.18 41.88 32.91
C GLU B 322 33.31 40.96 33.36
N TYR B 323 33.11 40.29 34.48
CA TYR B 323 34.12 39.37 35.02
C TYR B 323 34.05 37.97 34.41
N TYR B 324 33.09 37.74 33.52
CA TYR B 324 32.84 36.41 32.98
C TYR B 324 32.83 36.36 31.45
N VAL B 325 33.41 37.38 30.82
CA VAL B 325 33.50 37.40 29.36
C VAL B 325 34.37 36.25 28.86
N ASP B 326 35.51 36.05 29.51
CA ASP B 326 36.46 35.02 29.11
C ASP B 326 35.89 33.62 29.29
N GLN B 327 35.31 33.36 30.45
CA GLN B 327 34.73 32.05 30.76
C GLN B 327 33.64 31.67 29.76
N CYS B 328 32.77 32.61 29.46
CA CYS B 328 31.66 32.37 28.54
C CYS B 328 32.16 32.14 27.12
N SER B 329 33.12 32.95 26.69
CA SER B 329 33.69 32.81 25.35
C SER B 329 34.41 31.46 25.20
N GLU B 330 35.04 31.03 26.29
CA GLU B 330 35.75 29.75 26.30
C GLU B 330 34.77 28.59 26.10
N VAL B 331 33.68 28.59 26.87
CA VAL B 331 32.70 27.52 26.80
C VAL B 331 32.03 27.45 25.44
N LEU B 332 31.73 28.61 24.87
CA LEU B 332 31.05 28.69 23.58
C LEU B 332 31.88 28.10 22.45
N HIS B 333 33.19 28.35 22.48
CA HIS B 333 34.07 27.83 21.44
C HIS B 333 34.09 26.31 21.46
N LYS B 334 34.01 25.74 22.67
CA LYS B 334 33.94 24.29 22.82
C LYS B 334 32.59 23.77 22.35
N LEU B 335 31.53 24.53 22.60
CA LEU B 335 30.19 24.15 22.20
C LEU B 335 30.03 24.17 20.69
N GLU B 336 30.74 25.08 20.04
CA GLU B 336 30.66 25.23 18.58
C GLU B 336 31.10 23.95 17.87
N ALA B 337 32.04 23.24 18.48
CA ALA B 337 32.61 22.04 17.88
C ALA B 337 31.64 20.86 17.92
N VAL B 338 30.76 20.85 18.92
CA VAL B 338 29.90 19.70 19.17
C VAL B 338 28.41 20.01 18.93
N ASN B 339 28.10 21.28 18.66
CA ASN B 339 26.72 21.71 18.44
C ASN B 339 26.56 22.42 17.09
N PRO B 340 26.07 21.70 16.07
CA PRO B 340 25.95 22.27 14.72
C PRO B 340 24.93 23.41 14.62
N GLN B 341 24.02 23.51 15.59
CA GLN B 341 22.93 24.49 15.53
C GLN B 341 23.18 25.67 16.45
N LEU B 342 24.39 25.76 16.99
CA LEU B 342 24.73 26.82 17.95
C LEU B 342 24.54 28.22 17.38
N ASP B 343 24.82 28.38 16.09
CA ASP B 343 24.76 29.69 15.45
C ASP B 343 23.34 30.05 15.01
N ILE B 344 22.68 29.14 14.28
CA ILE B 344 21.38 29.45 13.70
C ILE B 344 20.27 29.56 14.75
N GLU B 345 20.47 28.92 15.90
CA GLU B 345 19.43 28.87 16.92
C GLU B 345 19.20 30.23 17.58
N GLY B 346 20.17 31.14 17.44
CA GLY B 346 20.07 32.45 18.02
C GLY B 346 20.15 32.45 19.53
N GLY B 347 19.50 33.42 20.14
CA GLY B 347 19.46 33.55 21.58
C GLY B 347 18.13 33.80 22.23
N ARG B 348 17.10 34.01 21.44
CA ARG B 348 15.78 34.37 21.96
C ARG B 348 14.93 33.13 22.27
N ASN B 349 15.44 31.96 21.91
CA ASN B 349 14.79 30.70 22.20
C ASN B 349 13.38 30.61 21.59
N ILE B 350 13.30 30.99 20.32
CA ILE B 350 12.03 30.95 19.59
C ILE B 350 11.79 29.54 19.03
N TRP B 351 10.57 29.04 19.23
CA TRP B 351 10.19 27.71 18.75
C TRP B 351 8.92 27.79 17.91
N ILE B 352 8.91 27.06 16.79
CA ILE B 352 7.74 26.96 15.94
C ILE B 352 6.91 25.75 16.37
N VAL B 353 5.63 25.99 16.66
CA VAL B 353 4.72 24.94 17.14
C VAL B 353 3.66 24.62 16.09
N LYS B 354 3.66 23.36 15.63
CA LYS B 354 2.70 22.89 14.63
C LYS B 354 1.63 22.01 15.26
N ILE B 365 2.78 29.55 14.33
CA ILE B 365 2.75 29.87 15.76
C ILE B 365 4.14 29.85 16.37
N CYS B 366 4.75 31.02 16.48
CA CYS B 366 6.07 31.16 17.10
C CYS B 366 5.92 31.61 18.55
N MET B 367 6.58 30.89 19.46
CA MET B 367 6.50 31.17 20.89
C MET B 367 7.88 31.07 21.53
N ASP B 368 8.10 31.82 22.60
CA ASP B 368 9.42 31.91 23.24
C ASP B 368 9.40 31.67 24.74
N ARG B 369 8.22 31.34 25.28
CA ARG B 369 8.08 31.02 26.71
C ARG B 369 7.72 29.55 26.88
N LEU B 370 8.51 28.84 27.68
CA LEU B 370 8.34 27.40 27.87
C LEU B 370 6.99 27.05 28.48
N GLU B 371 6.63 27.74 29.57
CA GLU B 371 5.38 27.46 30.28
C GLU B 371 4.17 27.62 29.34
N GLU B 372 4.19 28.68 28.54
CA GLU B 372 3.10 28.94 27.60
C GLU B 372 3.02 27.84 26.54
N ILE B 373 4.17 27.31 26.14
CA ILE B 373 4.25 26.25 25.15
C ILE B 373 3.75 24.93 25.73
N LEU B 374 4.19 24.60 26.94
CA LEU B 374 3.77 23.38 27.60
C LEU B 374 2.26 23.39 27.88
N LYS B 375 1.71 24.59 28.08
CA LYS B 375 0.28 24.74 28.33
C LYS B 375 -0.54 24.25 27.14
N LEU B 376 -0.09 24.58 25.93
CA LEU B 376 -0.78 24.17 24.71
C LEU B 376 -0.43 22.73 24.35
N VAL B 390 3.93 19.10 16.76
CA VAL B 390 5.36 19.08 17.06
C VAL B 390 5.90 20.50 17.29
N VAL B 391 7.03 20.59 17.98
CA VAL B 391 7.71 21.87 18.18
C VAL B 391 9.15 21.78 17.65
N GLN B 392 9.54 22.77 16.87
CA GLN B 392 10.86 22.80 16.23
C GLN B 392 11.55 24.12 16.52
N LYS B 393 12.88 24.08 16.65
CA LYS B 393 13.63 25.29 16.95
C LYS B 393 13.66 26.22 15.74
N TYR B 394 13.21 27.45 15.95
CA TYR B 394 13.19 28.46 14.91
C TYR B 394 14.61 28.89 14.56
N ILE B 395 14.84 29.08 13.26
CA ILE B 395 16.13 29.57 12.76
C ILE B 395 16.16 31.09 12.88
N GLU B 396 16.76 31.58 13.97
CA GLU B 396 16.77 33.00 14.28
C GLU B 396 17.84 33.76 13.51
N ARG B 397 18.92 33.06 13.16
CA ARG B 397 20.05 33.68 12.46
C ARG B 397 20.35 33.00 11.12
N PRO B 398 19.45 33.16 10.15
CA PRO B 398 19.69 32.63 8.80
C PRO B 398 20.51 33.57 7.94
N LEU B 399 21.03 33.05 6.82
CA LEU B 399 21.68 33.90 5.84
C LEU B 399 20.65 34.81 5.19
N LEU B 400 21.00 36.08 5.04
CA LEU B 400 20.10 37.06 4.43
C LEU B 400 20.68 37.57 3.12
N ILE B 401 19.78 37.80 2.15
CA ILE B 401 20.14 38.48 0.91
C ILE B 401 19.49 39.86 0.91
N PHE B 402 20.33 40.90 0.95
CA PHE B 402 19.84 42.27 1.04
C PHE B 402 18.96 42.45 2.27
N GLY B 403 19.42 41.89 3.39
CA GLY B 403 18.71 41.98 4.66
C GLY B 403 17.34 41.33 4.65
N THR B 404 17.13 40.40 3.70
CA THR B 404 15.83 39.77 3.52
C THR B 404 15.94 38.24 3.64
N LYS B 405 15.00 37.65 4.37
CA LYS B 405 14.95 36.19 4.54
C LYS B 405 14.55 35.52 3.24
N PHE B 406 15.01 34.28 3.07
CA PHE B 406 14.69 33.51 1.86
C PHE B 406 14.83 32.00 2.10
N ASP B 407 14.32 31.22 1.15
CA ASP B 407 14.58 29.79 1.12
C ASP B 407 14.79 29.34 -0.31
N VAL B 408 15.18 28.08 -0.48
CA VAL B 408 15.38 27.50 -1.81
C VAL B 408 14.45 26.31 -2.02
N ARG B 409 13.70 26.34 -3.12
CA ARG B 409 12.91 25.19 -3.53
C ARG B 409 13.77 24.29 -4.41
N GLN B 410 14.12 23.11 -3.87
CA GLN B 410 14.93 22.13 -4.59
C GLN B 410 14.09 20.93 -4.99
N TRP B 411 14.18 20.53 -6.26
CA TRP B 411 13.44 19.39 -6.78
C TRP B 411 14.30 18.14 -6.80
N PHE B 412 13.69 17.00 -6.49
CA PHE B 412 14.33 15.70 -6.73
C PHE B 412 13.28 14.67 -7.13
N LEU B 413 13.74 13.63 -7.82
CA LEU B 413 12.87 12.63 -8.41
C LEU B 413 13.24 11.23 -7.92
N VAL B 414 12.24 10.49 -7.44
CA VAL B 414 12.42 9.10 -7.06
C VAL B 414 11.79 8.20 -8.13
N THR B 415 12.58 7.27 -8.65
CA THR B 415 12.11 6.35 -9.70
C THR B 415 12.09 4.90 -9.25
N ASP B 416 12.57 4.64 -8.04
CA ASP B 416 12.62 3.28 -7.52
C ASP B 416 12.94 3.30 -6.03
N TRP B 417 12.44 2.31 -5.29
CA TRP B 417 12.68 2.20 -3.85
C TRP B 417 13.56 0.99 -3.50
N ASN B 418 13.88 0.18 -4.51
CA ASN B 418 14.75 -0.96 -4.32
C ASN B 418 15.39 -1.39 -5.64
N PRO B 419 16.56 -0.83 -5.98
CA PRO B 419 17.34 0.12 -5.18
C PRO B 419 16.68 1.49 -5.10
N LEU B 420 16.83 2.14 -3.95
CA LEU B 420 16.36 3.52 -3.79
C LEU B 420 17.14 4.39 -4.76
N THR B 421 16.45 4.91 -5.77
CA THR B 421 17.08 5.66 -6.85
C THR B 421 16.60 7.10 -6.85
N ILE B 422 17.52 8.03 -6.62
CA ILE B 422 17.17 9.44 -6.44
C ILE B 422 17.90 10.33 -7.45
N TRP B 423 17.13 11.13 -8.18
CA TRP B 423 17.68 12.06 -9.15
C TRP B 423 17.58 13.49 -8.62
N PHE B 424 18.66 14.24 -8.76
CA PHE B 424 18.77 15.60 -8.22
C PHE B 424 18.81 16.62 -9.35
N TYR B 425 17.94 17.62 -9.28
CA TYR B 425 17.88 18.65 -10.31
C TYR B 425 18.91 19.75 -10.02
N LYS B 426 19.87 19.90 -10.94
CA LYS B 426 21.01 20.80 -10.72
C LYS B 426 20.65 22.28 -10.81
N GLU B 427 19.38 22.56 -11.08
CA GLU B 427 18.87 23.93 -11.09
C GLU B 427 17.78 24.05 -10.04
N CYS B 428 17.74 25.19 -9.35
CA CYS B 428 16.68 25.47 -8.39
C CYS B 428 16.44 26.97 -8.36
N TYR B 429 15.50 27.41 -7.51
CA TYR B 429 15.21 28.84 -7.41
C TYR B 429 14.98 29.29 -5.98
N VAL B 430 15.23 30.57 -5.77
CA VAL B 430 15.12 31.21 -4.46
C VAL B 430 13.78 31.93 -4.33
N ARG B 431 13.22 31.93 -3.11
CA ARG B 431 12.00 32.68 -2.84
C ARG B 431 12.25 33.68 -1.71
N PHE B 432 12.24 34.97 -2.07
CA PHE B 432 12.48 36.03 -1.10
C PHE B 432 11.24 36.28 -0.24
N SER B 433 11.47 36.65 1.01
CA SER B 433 10.38 37.01 1.91
C SER B 433 9.81 38.35 1.49
N SER B 434 8.64 38.70 2.01
CA SER B 434 7.92 39.89 1.58
C SER B 434 8.63 41.19 1.98
N GLN B 435 9.10 41.25 3.22
CA GLN B 435 9.73 42.45 3.76
C GLN B 435 11.08 42.15 4.41
N PRO B 436 11.73 43.19 4.94
CA PRO B 436 13.02 43.09 5.64
C PRO B 436 12.93 42.16 6.85
N PHE B 437 14.04 41.51 7.19
CA PHE B 437 14.05 40.54 8.27
C PHE B 437 14.17 41.18 9.65
N SER B 438 13.41 40.66 10.60
CA SER B 438 13.43 41.15 11.97
C SER B 438 12.75 40.16 12.90
N LEU B 439 13.10 40.22 14.18
CA LEU B 439 12.52 39.32 15.19
C LEU B 439 11.75 40.11 16.25
N HIS B 464 13.81 46.82 0.28
CA HIS B 464 15.14 46.99 -0.30
C HIS B 464 15.04 46.97 -1.83
N PRO B 465 15.63 47.96 -2.51
CA PRO B 465 15.46 48.08 -3.97
C PRO B 465 16.09 46.95 -4.78
N LEU B 466 17.17 46.36 -4.28
CA LEU B 466 17.89 45.33 -5.02
C LEU B 466 17.18 43.97 -4.96
N VAL B 467 16.15 43.87 -4.12
CA VAL B 467 15.33 42.67 -4.08
C VAL B 467 14.47 42.60 -5.34
N PRO B 468 14.39 41.43 -5.98
CA PRO B 468 13.59 41.34 -7.22
C PRO B 468 12.11 41.61 -6.98
N THR B 469 11.46 42.23 -7.97
CA THR B 469 10.05 42.60 -7.86
C THR B 469 9.17 41.36 -7.76
N ASP B 470 9.55 40.30 -8.45
CA ASP B 470 8.80 39.05 -8.44
C ASP B 470 9.21 38.15 -7.27
N ASN B 471 10.09 38.65 -6.40
CA ASN B 471 10.51 37.94 -5.21
C ASN B 471 11.08 36.55 -5.49
N MET B 472 11.73 36.39 -6.63
CA MET B 472 12.36 35.12 -6.98
C MET B 472 13.66 35.28 -7.74
N TRP B 473 14.61 34.41 -7.43
CA TRP B 473 15.88 34.31 -8.13
C TRP B 473 16.08 32.89 -8.64
N SER B 474 16.76 32.76 -9.77
CA SER B 474 17.22 31.45 -10.22
C SER B 474 18.49 31.11 -9.49
N SER B 475 18.84 29.82 -9.44
CA SER B 475 20.07 29.38 -8.79
C SER B 475 21.27 30.05 -9.47
N ARG B 476 21.14 30.34 -10.76
CA ARG B 476 22.20 31.04 -11.48
C ARG B 476 22.43 32.43 -10.89
N GLN B 477 21.34 33.15 -10.64
CA GLN B 477 21.43 34.48 -10.03
C GLN B 477 21.99 34.39 -8.62
N LEU B 478 21.61 33.35 -7.88
CA LEU B 478 22.10 33.17 -6.53
C LEU B 478 23.61 32.96 -6.53
N GLN B 479 24.09 32.22 -7.52
CA GLN B 479 25.53 31.97 -7.65
C GLN B 479 26.28 33.26 -7.93
N VAL B 480 25.70 34.12 -8.75
CA VAL B 480 26.29 35.43 -9.04
C VAL B 480 26.40 36.25 -7.77
N HIS B 481 25.35 36.24 -6.96
CA HIS B 481 25.33 36.97 -5.71
C HIS B 481 26.39 36.46 -4.74
N LEU B 482 26.51 35.14 -4.65
CA LEU B 482 27.49 34.52 -3.78
C LEU B 482 28.92 34.89 -4.21
N HIS B 483 29.13 35.05 -5.50
CA HIS B 483 30.41 35.49 -6.03
C HIS B 483 30.63 36.97 -5.69
N LYS B 484 29.55 37.74 -5.64
CA LYS B 484 29.62 39.14 -5.27
C LYS B 484 29.92 39.29 -3.78
N LEU B 485 29.45 38.33 -2.99
CA LEU B 485 29.70 38.31 -1.56
C LEU B 485 31.10 37.84 -1.22
N GLY B 486 31.86 37.45 -2.26
CA GLY B 486 33.21 36.94 -2.06
C GLY B 486 33.20 35.58 -1.42
N ALA B 487 32.31 34.72 -1.87
CA ALA B 487 32.18 33.37 -1.35
C ALA B 487 32.01 32.36 -2.48
N PRO B 488 33.07 32.18 -3.28
CA PRO B 488 33.04 31.28 -4.44
C PRO B 488 32.97 29.79 -4.07
N HIS B 489 33.09 29.49 -2.78
CA HIS B 489 33.08 28.10 -2.32
C HIS B 489 31.67 27.64 -1.94
N ALA B 490 30.83 28.61 -1.55
CA ALA B 490 29.54 28.32 -0.93
C ALA B 490 28.70 27.33 -1.74
N TRP B 491 28.44 27.67 -3.00
CA TRP B 491 27.51 26.89 -3.81
C TRP B 491 28.00 25.47 -4.05
N GLU B 492 29.24 25.34 -4.52
CA GLU B 492 29.77 24.05 -4.95
C GLU B 492 30.23 23.16 -3.80
N ALA B 493 30.76 23.75 -2.74
CA ALA B 493 31.40 22.99 -1.67
C ALA B 493 30.52 22.77 -0.44
N VAL B 494 29.49 23.60 -0.29
CA VAL B 494 28.65 23.56 0.91
C VAL B 494 27.17 23.36 0.58
N ILE B 495 26.61 24.25 -0.21
CA ILE B 495 25.17 24.26 -0.47
C ILE B 495 24.70 23.03 -1.23
N VAL B 496 25.21 22.83 -2.45
CA VAL B 496 24.78 21.71 -3.28
C VAL B 496 25.02 20.36 -2.61
N PRO B 497 26.25 20.10 -2.14
CA PRO B 497 26.47 18.80 -1.47
C PRO B 497 25.63 18.64 -0.21
N GLY B 498 25.29 19.75 0.44
CA GLY B 498 24.48 19.72 1.64
C GLY B 498 23.02 19.38 1.34
N MET B 499 22.49 19.98 0.27
CA MET B 499 21.12 19.72 -0.13
C MET B 499 20.95 18.29 -0.63
N LYS B 500 21.95 17.79 -1.35
CA LYS B 500 21.94 16.41 -1.82
C LYS B 500 21.87 15.44 -0.65
N ALA B 501 22.74 15.65 0.33
CA ALA B 501 22.84 14.77 1.48
C ALA B 501 21.54 14.74 2.28
N ALA B 502 20.99 15.93 2.53
CA ALA B 502 19.75 16.06 3.29
C ALA B 502 18.61 15.28 2.62
N ILE B 503 18.52 15.39 1.30
CA ILE B 503 17.49 14.71 0.53
C ILE B 503 17.67 13.19 0.63
N ILE B 504 18.89 12.72 0.43
CA ILE B 504 19.20 11.29 0.55
C ILE B 504 18.83 10.76 1.92
N HIS B 505 19.23 11.47 2.97
CA HIS B 505 18.97 11.04 4.34
C HIS B 505 17.47 11.01 4.65
N ALA B 506 16.71 11.87 3.99
CA ALA B 506 15.26 11.91 4.18
C ALA B 506 14.60 10.69 3.56
N MET B 507 15.05 10.31 2.37
CA MET B 507 14.50 9.14 1.69
C MET B 507 14.94 7.85 2.39
N GLN B 508 16.20 7.82 2.81
CA GLN B 508 16.76 6.66 3.50
C GLN B 508 15.98 6.27 4.74
N SER B 509 15.62 7.27 5.54
CA SER B 509 15.01 7.02 6.85
C SER B 509 13.50 6.87 6.77
N ALA B 510 12.96 6.78 5.56
CA ALA B 510 11.52 6.60 5.37
C ALA B 510 11.15 5.13 5.42
N GLN B 511 10.56 4.69 6.54
CA GLN B 511 10.25 3.27 6.74
C GLN B 511 8.76 2.95 6.61
N ASP B 512 7.96 3.93 6.19
CA ASP B 512 6.53 3.71 5.99
C ASP B 512 6.25 3.21 4.58
N ILE B 513 7.25 3.31 3.70
CA ILE B 513 7.11 2.79 2.34
C ILE B 513 7.41 1.29 2.35
N VAL B 514 6.36 0.50 2.20
CA VAL B 514 6.48 -0.96 2.24
C VAL B 514 5.99 -1.60 0.95
N GLU B 515 5.47 -0.79 0.04
CA GLU B 515 4.97 -1.28 -1.24
C GLU B 515 4.97 -0.16 -2.27
N TYR B 516 5.43 -0.47 -3.48
CA TYR B 516 5.52 0.53 -4.55
C TYR B 516 5.42 -0.13 -5.92
N ARG B 517 5.06 0.66 -6.92
CA ARG B 517 5.03 0.20 -8.31
C ARG B 517 6.34 0.54 -9.02
N LYS B 518 6.91 -0.45 -9.70
CA LYS B 518 8.12 -0.24 -10.49
C LYS B 518 7.90 0.81 -11.57
N SER B 519 6.69 0.85 -12.12
CA SER B 519 6.37 1.75 -13.21
C SER B 519 5.86 3.11 -12.72
N SER B 520 5.87 3.31 -11.40
CA SER B 520 5.52 4.61 -10.84
C SER B 520 6.78 5.38 -10.49
N PHE B 521 6.63 6.69 -10.35
CA PHE B 521 7.72 7.58 -9.96
C PHE B 521 7.09 8.80 -9.29
N GLU B 522 7.90 9.66 -8.70
CA GLU B 522 7.37 10.86 -8.06
C GLU B 522 8.39 11.98 -7.94
N LEU B 523 7.97 13.17 -8.37
CA LEU B 523 8.76 14.39 -8.21
C LEU B 523 8.43 15.04 -6.87
N TYR B 524 9.45 15.31 -6.07
CA TYR B 524 9.29 15.96 -4.77
C TYR B 524 9.94 17.35 -4.77
N GLY B 525 9.54 18.16 -3.80
CA GLY B 525 10.09 19.49 -3.63
C GLY B 525 10.60 19.69 -2.21
N ALA B 526 11.89 19.99 -2.08
CA ALA B 526 12.50 20.23 -0.78
C ALA B 526 12.74 21.72 -0.56
N ASP B 527 12.32 22.21 0.60
CA ASP B 527 12.57 23.61 0.99
C ASP B 527 13.79 23.69 1.90
N PHE B 528 14.75 24.52 1.53
CA PHE B 528 15.95 24.72 2.34
C PHE B 528 16.12 26.18 2.78
N MET B 529 16.57 26.36 4.02
CA MET B 529 17.08 27.64 4.49
C MET B 529 18.58 27.48 4.75
N PHE B 530 19.27 28.59 4.94
CA PHE B 530 20.73 28.57 5.04
C PHE B 530 21.25 29.42 6.18
N GLY B 531 22.26 28.90 6.88
CA GLY B 531 22.92 29.65 7.94
C GLY B 531 23.95 30.60 7.35
N GLU B 532 24.52 31.44 8.19
CA GLU B 532 25.48 32.44 7.74
C GLU B 532 26.73 31.78 7.15
N ASN B 533 26.99 30.54 7.53
CA ASN B 533 28.10 29.77 6.98
C ASN B 533 27.67 28.98 5.74
N PHE B 534 26.51 29.34 5.19
CA PHE B 534 25.99 28.80 3.93
C PHE B 534 25.58 27.32 4.01
N HIS B 535 25.61 26.74 5.21
CA HIS B 535 25.14 25.37 5.38
C HIS B 535 23.64 25.30 5.18
N PRO B 536 23.16 24.36 4.33
CA PRO B 536 21.70 24.26 4.13
C PRO B 536 20.99 23.58 5.30
N TRP B 537 19.74 23.97 5.50
CA TRP B 537 18.90 23.37 6.54
C TRP B 537 17.56 22.96 5.94
N LEU B 538 17.27 21.66 6.02
CA LEU B 538 16.02 21.13 5.49
C LEU B 538 14.84 21.55 6.37
N ILE B 539 13.84 22.18 5.77
CA ILE B 539 12.66 22.63 6.49
C ILE B 539 11.49 21.67 6.24
N GLN B 540 11.25 21.33 4.99
CA GLN B 540 10.19 20.37 4.65
C GLN B 540 10.36 19.79 3.26
N ILE B 541 9.67 18.68 3.04
CA ILE B 541 9.58 18.04 1.73
C ILE B 541 8.12 18.01 1.30
N ASN B 542 7.85 18.37 0.04
CA ASN B 542 6.50 18.46 -0.46
C ASN B 542 6.27 17.55 -1.65
N ALA B 543 5.14 16.84 -1.64
CA ALA B 543 4.73 16.02 -2.77
C ALA B 543 3.99 16.90 -3.77
N SER B 544 4.16 16.62 -5.05
CA SER B 544 3.55 17.42 -6.12
C SER B 544 3.87 18.90 -5.94
N PRO B 545 5.15 19.27 -6.04
CA PRO B 545 5.54 20.67 -5.95
C PRO B 545 4.90 21.50 -7.06
N THR B 546 4.56 22.76 -6.78
CA THR B 546 3.86 23.59 -7.75
C THR B 546 4.69 23.78 -9.01
N MET B 547 4.03 23.65 -10.15
CA MET B 547 4.66 23.84 -11.45
C MET B 547 4.09 25.08 -12.13
N ALA B 548 3.39 25.90 -11.36
CA ALA B 548 2.78 27.11 -11.89
C ALA B 548 3.84 28.08 -12.39
N ALA B 549 3.56 28.72 -13.51
CA ALA B 549 4.46 29.74 -14.07
C ALA B 549 4.20 31.07 -13.40
N SER B 550 4.32 31.10 -12.08
CA SER B 550 4.01 32.29 -11.30
C SER B 550 4.94 33.46 -11.64
N THR B 551 6.18 33.13 -12.01
CA THR B 551 7.17 34.15 -12.36
C THR B 551 7.98 33.71 -13.58
N THR B 552 8.83 34.61 -14.05
CA THR B 552 9.70 34.31 -15.19
C THR B 552 10.69 33.21 -14.84
N VAL B 553 11.04 33.12 -13.55
CA VAL B 553 11.96 32.09 -13.08
C VAL B 553 11.30 30.73 -13.09
N THR B 554 10.12 30.63 -12.46
CA THR B 554 9.41 29.36 -12.38
C THR B 554 8.88 28.93 -13.75
N SER B 555 8.55 29.89 -14.60
CA SER B 555 8.04 29.59 -15.93
C SER B 555 9.04 28.72 -16.69
N ARG B 556 10.31 29.12 -16.66
CA ARG B 556 11.36 28.39 -17.35
C ARG B 556 11.65 27.05 -16.65
N LEU B 557 11.96 27.10 -15.35
CA LEU B 557 12.44 25.93 -14.63
C LEU B 557 11.39 24.82 -14.53
N CYS B 558 10.14 25.19 -14.32
CA CYS B 558 9.06 24.21 -14.20
C CYS B 558 8.85 23.49 -15.53
N ALA B 559 8.96 24.23 -16.62
CA ALA B 559 8.82 23.64 -17.95
C ALA B 559 9.99 22.71 -18.22
N GLU B 560 11.17 23.09 -17.75
CA GLU B 560 12.39 22.32 -17.99
C GLU B 560 12.45 21.05 -17.16
N VAL B 561 12.01 21.11 -15.91
CA VAL B 561 12.05 19.93 -15.04
C VAL B 561 11.01 18.90 -15.49
N GLN B 562 9.90 19.37 -16.04
CA GLN B 562 8.87 18.49 -16.57
C GLN B 562 9.40 17.70 -17.75
N GLU B 563 10.02 18.40 -18.70
CA GLU B 563 10.61 17.75 -19.86
C GLU B 563 11.72 16.79 -19.45
N ASP B 564 12.60 17.24 -18.56
CA ASP B 564 13.73 16.42 -18.12
C ASP B 564 13.27 15.20 -17.32
N THR B 565 12.13 15.32 -16.66
CA THR B 565 11.55 14.18 -15.96
C THR B 565 11.22 13.09 -16.97
N LEU B 566 10.66 13.50 -18.11
CA LEU B 566 10.29 12.56 -19.17
C LEU B 566 11.53 11.93 -19.78
N ARG B 567 12.64 12.66 -19.82
CA ARG B 567 13.89 12.12 -20.32
C ARG B 567 14.34 10.93 -19.48
N ILE B 568 14.08 10.99 -18.18
CA ILE B 568 14.46 9.92 -17.27
C ILE B 568 13.50 8.73 -17.34
N VAL B 569 12.20 9.00 -17.26
CA VAL B 569 11.22 7.94 -17.12
C VAL B 569 10.82 7.31 -18.46
N LEU B 570 11.04 8.04 -19.55
CA LEU B 570 10.75 7.52 -20.89
C LEU B 570 12.01 7.31 -21.73
N ASP B 571 12.76 8.37 -21.99
CA ASP B 571 13.85 8.29 -22.96
C ASP B 571 14.95 7.30 -22.53
N ARG B 572 15.20 7.21 -21.23
CA ARG B 572 16.25 6.32 -20.74
C ARG B 572 15.89 4.84 -20.85
N LYS B 573 14.63 4.55 -21.13
CA LYS B 573 14.21 3.16 -21.38
C LYS B 573 14.82 2.65 -22.68
N LEU B 574 14.85 3.52 -23.68
CA LEU B 574 15.34 3.16 -25.01
C LEU B 574 16.85 3.28 -25.10
N ASP B 575 17.43 4.23 -24.37
CA ASP B 575 18.86 4.48 -24.39
C ASP B 575 19.36 4.86 -22.99
N ARG B 576 20.12 3.95 -22.38
CA ARG B 576 20.54 4.11 -20.99
C ARG B 576 21.48 5.29 -20.77
N ASN B 577 22.02 5.84 -21.85
CA ASN B 577 22.99 6.94 -21.76
C ASN B 577 22.47 8.24 -22.37
N CYS B 578 21.18 8.31 -22.66
CA CYS B 578 20.60 9.49 -23.30
C CYS B 578 20.67 10.69 -22.35
N ASP B 579 20.59 11.88 -22.92
CA ASP B 579 20.61 13.11 -22.13
C ASP B 579 19.38 13.18 -21.23
N ILE B 580 19.58 13.67 -20.00
CA ILE B 580 18.49 13.83 -19.04
C ILE B 580 18.42 15.26 -18.54
N GLY B 581 18.91 16.20 -19.36
CA GLY B 581 18.85 17.61 -19.03
C GLY B 581 19.65 17.96 -17.78
N ALA B 582 19.01 18.69 -16.88
CA ALA B 582 19.68 19.20 -15.69
C ALA B 582 19.56 18.25 -14.50
N PHE B 583 19.11 17.02 -14.76
CA PHE B 583 19.00 16.02 -13.71
C PHE B 583 20.32 15.30 -13.50
N GLU B 584 20.51 14.75 -12.30
CA GLU B 584 21.72 14.03 -11.95
C GLU B 584 21.42 12.94 -10.93
N LEU B 585 21.91 11.73 -11.19
CA LEU B 585 21.77 10.63 -10.25
C LEU B 585 22.72 10.88 -9.07
N ILE B 586 22.17 10.90 -7.85
CA ILE B 586 22.97 11.14 -6.66
C ILE B 586 22.95 9.96 -5.69
N TYR B 587 22.05 9.01 -5.92
CA TYR B 587 21.90 7.88 -5.02
C TYR B 587 21.22 6.71 -5.71
N LYS B 588 21.80 5.53 -5.55
CA LYS B 588 21.22 4.30 -6.09
C LYS B 588 21.68 3.10 -5.27
N GLN B 589 20.94 2.79 -4.22
CA GLN B 589 21.25 1.66 -3.35
C GLN B 589 19.99 0.87 -3.01
PB ANP C . -14.69 -19.54 -13.06
O1B ANP C . -13.61 -18.48 -13.06
O2B ANP C . -14.96 -19.97 -11.64
N3B ANP C . -16.06 -18.92 -13.71
PA ANP C . -12.95 -21.73 -13.52
O1A ANP C . -11.80 -21.46 -14.48
O2A ANP C . -12.51 -21.39 -12.10
O3A ANP C . -14.22 -20.80 -13.92
O5' ANP C . -13.39 -23.29 -13.60
C5' ANP C . -13.88 -23.87 -12.42
C4' ANP C . -14.76 -25.08 -12.78
O4' ANP C . -13.95 -26.13 -13.32
C3' ANP C . -15.46 -25.60 -11.52
O3' ANP C . -16.79 -25.74 -11.75
C2' ANP C . -14.84 -26.95 -11.24
O2' ANP C . -15.88 -28.00 -11.09
C1' ANP C . -13.91 -27.25 -12.41
N9 ANP C . -12.61 -27.46 -11.94
C8 ANP C . -11.62 -26.55 -11.72
N7 ANP C . -10.53 -27.21 -11.27
C5 ANP C . -10.85 -28.54 -11.23
C6 ANP C . -10.09 -29.62 -10.83
N6 ANP C . -8.71 -29.46 -10.39
N1 ANP C . -10.63 -30.84 -10.87
C2 ANP C . -11.94 -31.02 -11.28
N3 ANP C . -12.68 -29.96 -11.66
C4 ANP C . -12.12 -28.71 -11.63
HNB1 ANP C . -16.21 -19.02 -14.60
H5'1 ANP C . -14.42 -23.20 -11.93
H5'2 ANP C . -13.15 -24.15 -11.88
H4' ANP C . -15.43 -24.82 -13.43
H3' ANP C . -15.30 -25.00 -10.78
HO3' ANP C . -17.25 -25.24 -11.17
H2' ANP C . -14.31 -26.89 -10.41
HO2' ANP C . -15.85 -28.31 -10.27
H1' ANP C . -14.22 -28.04 -12.85
H8 ANP C . -11.68 -25.58 -11.86
HN61 ANP C . -8.03 -29.45 -11.00
HN62 ANP C . -8.53 -29.36 -9.50
H2 ANP C . -12.21 -31.97 -11.26
S SO4 D . -19.41 -16.53 -7.61
O1 SO4 D . -18.14 -17.24 -7.55
O2 SO4 D . -19.48 -15.74 -8.84
O3 SO4 D . -20.51 -17.50 -7.60
O4 SO4 D . -19.55 -15.65 -6.45
PB ANP E . 3.04 25.28 4.50
O1B ANP E . 4.32 25.16 3.73
O2B ANP E . 2.51 23.91 4.82
N3B ANP E . 1.93 26.09 3.60
PA ANP E . 4.41 25.65 6.94
O1A ANP E . 5.27 24.53 6.36
O2A ANP E . 3.72 25.18 8.20
O3A ANP E . 3.30 26.10 5.85
O5' ANP E . 5.36 26.94 7.28
C5' ANP E . 6.56 27.05 6.57
C4' ANP E . 7.03 28.51 6.58
O4' ANP E . 7.48 28.87 7.89
C3' ANP E . 8.17 28.70 5.59
O3' ANP E . 7.92 29.78 4.79
C2' ANP E . 9.40 28.96 6.43
O2' ANP E . 10.11 30.19 5.98
C1' ANP E . 8.92 29.09 7.86
N9 ANP E . 9.58 28.17 8.68
C8 ANP E . 9.25 26.87 8.96
N7 ANP E . 10.20 26.39 9.79
C5 ANP E . 11.10 27.38 10.02
C6 ANP E . 12.24 27.38 10.81
N6 ANP E . 12.64 26.19 11.54
N1 ANP E . 12.98 28.48 10.87
C2 ANP E . 12.61 29.62 10.17
N3 ANP E . 11.50 29.63 9.42
C4 ANP E . 10.74 28.47 9.34
HNB1 ANP E . 1.32 26.62 4.01
H5'1 ANP E . 6.42 26.75 5.64
H5'2 ANP E . 7.22 26.50 6.99
H4' ANP E . 6.28 29.09 6.33
H3' ANP E . 8.29 27.91 5.05
HO3' ANP E . 7.90 29.51 3.94
H2' ANP E . 10.00 28.19 6.35
HO2' ANP E . 10.92 29.98 5.73
H1' ANP E . 9.11 29.98 8.17
H8 ANP E . 8.48 26.39 8.62
HN61 ANP E . 12.29 26.03 12.37
HN62 ANP E . 13.25 25.60 11.17
H2 ANP E . 13.25 30.37 10.32
S SO4 F . 4.14 24.37 -3.04
O1 SO4 F . 5.19 25.37 -3.18
O2 SO4 F . 4.62 23.10 -3.60
O3 SO4 F . 2.95 24.79 -3.76
O4 SO4 F . 3.83 24.18 -1.63
#